data_4MQU
#
_entry.id   4MQU
#
_cell.length_a   149.066
_cell.length_b   149.066
_cell.length_c   132.463
_cell.angle_alpha   90.00
_cell.angle_beta   90.00
_cell.angle_gamma   120.00
#
_symmetry.space_group_name_H-M   'P 65'
#
loop_
_entity.id
_entity.type
_entity.pdbx_description
1 polymer 'Glucokinase regulatory protein'
2 non-polymer 2-{4-[(2S)-4-[(6-aminopyridin-3-yl)sulfonyl]-2-(prop-1-yn-1-yl)piperazin-1-yl]phenyl}-1,1,1,3,3,3-hexafluoropropan-2-ol
3 non-polymer D-SORBITOL-6-PHOSPHATE
4 non-polymer 'IODIDE ION'
5 non-polymer GLYCEROL
6 non-polymer 'SULFATE ION'
7 water water
#
_entity_poly.entity_id   1
_entity_poly.type   'polypeptide(L)'
_entity_poly.pdbx_seq_one_letter_code
;MHHHHHHDEVDMPGTKRFQHVIETPEPGKWELSGYEAAVPITEKSNPLTQDLDKADAENIVRLLGQCDAEIFQEEGQALS
TYQRLYSESILTTMVQVAGKVQEVLKEPDGGLVVLSGGGTSGRMAFLMSVSFNQLMKGLGQKPLYTYLIAGGDRSVVASR
EGTEDSALHGIEELKKVAAGKKRVIVIGISVGLSAPFVAGQMDCCMNNTAVFLPVLVGFNPVSMARNDPIEDWSSTFRQV
AERMQKMQEKQKAFVLNPAIGPEGLSGSSRMKGGSATKILLETLLLAAHKTVDQGIAASQRCLLEILRTFERAHQVTYSQ
SPKIATLMKSVSTSLEKKGHVYLVGWQTLGIIAIMDGVECIHTFGADFRDVRGFLIGDHSDMFNQKAELTNQGPQFTFSQ
EDFLTSILPSLTEIDTVVFIFTLDDNLTEVQTIVEQVKEKTNHIQALAHSTVGQTLPIPLKKLFPSIISITWPLLFFEYE
GNFIQKFQRELSTKWVLNTVSTGAHVLLGKILQNHMLDLRISNSKLFWRALAMLQRFSGQSKARCIESLLRAIHFPQPLS
DDIRAAPISCHVQVAHEKEQVIPIALLSLLFRCSITEAQAHLAAAPSVCEAVRSALAGPGQKRTADPLEILEPDVQ
;
_entity_poly.pdbx_strand_id   A,B
#
# COMPACT_ATOMS: atom_id res chain seq x y z
N MET A 12 5.21 7.90 -20.60
CA MET A 12 4.53 7.76 -21.92
C MET A 12 3.30 6.89 -21.70
N PRO A 13 2.35 6.87 -22.67
CA PRO A 13 1.18 5.98 -22.50
C PRO A 13 1.55 4.47 -22.33
N GLY A 14 1.17 3.89 -21.20
CA GLY A 14 1.55 2.54 -20.85
C GLY A 14 2.70 2.41 -19.86
N THR A 15 3.50 3.46 -19.69
CA THR A 15 4.62 3.34 -18.80
C THR A 15 4.17 3.01 -17.36
N LYS A 16 3.13 3.65 -16.86
CA LYS A 16 2.65 3.30 -15.50
C LYS A 16 2.35 1.79 -15.36
N ARG A 17 1.81 1.18 -16.42
CA ARG A 17 1.34 -0.20 -16.36
C ARG A 17 2.47 -1.23 -16.52
N PHE A 18 3.47 -0.92 -17.35
CA PHE A 18 4.47 -1.90 -17.83
C PHE A 18 5.85 -1.65 -17.29
N GLN A 19 5.99 -0.56 -16.56
CA GLN A 19 7.25 -0.11 -15.97
C GLN A 19 7.98 -1.20 -15.20
N HIS A 20 7.23 -1.97 -14.42
CA HIS A 20 7.80 -2.96 -13.54
C HIS A 20 8.38 -4.20 -14.28
N VAL A 21 7.99 -4.36 -15.55
CA VAL A 21 8.33 -5.53 -16.31
C VAL A 21 9.81 -5.47 -16.60
N ILE A 22 10.57 -6.51 -16.27
CA ILE A 22 12.00 -6.56 -16.60
C ILE A 22 12.20 -6.73 -18.11
N GLU A 23 13.14 -5.97 -18.68
CA GLU A 23 13.48 -6.06 -20.10
C GLU A 23 13.98 -7.44 -20.45
N THR A 24 13.78 -7.81 -21.71
CA THR A 24 14.34 -9.02 -22.23
C THR A 24 15.85 -8.92 -22.21
N PRO A 25 16.51 -9.95 -21.69
CA PRO A 25 17.96 -9.94 -21.77
C PRO A 25 18.41 -10.24 -23.19
N GLU A 26 19.67 -9.93 -23.49
CA GLU A 26 20.32 -10.29 -24.75
C GLU A 26 20.56 -11.79 -24.78
N PRO A 27 20.66 -12.35 -26.00
CA PRO A 27 20.92 -13.80 -26.07
C PRO A 27 22.15 -14.15 -25.23
N GLY A 28 22.02 -15.08 -24.30
CA GLY A 28 23.15 -15.55 -23.51
C GLY A 28 23.28 -14.89 -22.17
N LYS A 29 22.61 -13.76 -21.95
CA LYS A 29 22.75 -13.06 -20.67
C LYS A 29 21.54 -13.22 -19.69
N TRP A 30 20.66 -14.17 -19.93
CA TRP A 30 19.45 -14.33 -19.10
C TRP A 30 19.74 -14.51 -17.61
N GLU A 31 20.80 -15.24 -17.31
CA GLU A 31 21.34 -15.40 -15.93
C GLU A 31 22.09 -14.15 -15.48
N LEU A 32 23.01 -13.69 -16.34
CA LEU A 32 23.85 -12.53 -16.06
C LEU A 32 23.16 -11.17 -15.96
N SER A 33 22.08 -10.96 -16.70
CA SER A 33 21.28 -9.79 -16.51
C SER A 33 20.67 -9.75 -15.11
N GLY A 34 20.72 -10.87 -14.38
CA GLY A 34 19.94 -11.00 -13.15
C GLY A 34 18.44 -11.24 -13.40
N TYR A 35 18.07 -11.59 -14.63
CA TYR A 35 16.66 -11.71 -15.00
C TYR A 35 16.10 -12.92 -14.29
N GLU A 36 16.77 -14.07 -14.49
CA GLU A 36 16.33 -15.33 -13.91
C GLU A 36 16.30 -15.29 -12.42
N ALA A 37 17.17 -14.53 -11.78
CA ALA A 37 17.14 -14.49 -10.32
C ALA A 37 15.88 -13.77 -9.81
N ALA A 38 15.22 -13.02 -10.68
CA ALA A 38 14.01 -12.36 -10.34
C ALA A 38 12.72 -13.08 -10.81
N VAL A 39 12.82 -14.26 -11.44
CA VAL A 39 11.58 -15.01 -11.74
C VAL A 39 11.15 -15.70 -10.49
N PRO A 40 9.93 -15.40 -10.04
CA PRO A 40 9.52 -16.10 -8.79
C PRO A 40 9.62 -17.60 -8.93
N ILE A 41 9.93 -18.28 -7.84
CA ILE A 41 10.19 -19.74 -7.96
C ILE A 41 8.99 -20.38 -8.61
N THR A 42 7.78 -19.92 -8.26
CA THR A 42 6.56 -20.55 -8.71
C THR A 42 6.30 -20.42 -10.20
N GLU A 43 7.01 -19.50 -10.85
CA GLU A 43 6.84 -19.31 -12.29
C GLU A 43 7.98 -19.85 -13.06
N LYS A 44 9.01 -20.33 -12.38
CA LYS A 44 10.18 -20.82 -13.07
C LYS A 44 9.91 -22.07 -13.92
N SER A 45 10.75 -22.18 -14.94
CA SER A 45 10.92 -23.37 -15.73
C SER A 45 11.66 -24.45 -14.92
N ASN A 46 11.04 -25.57 -14.63
CA ASN A 46 11.75 -26.61 -13.89
C ASN A 46 12.78 -27.26 -14.83
N PRO A 47 14.07 -27.15 -14.49
CA PRO A 47 15.15 -27.79 -15.32
C PRO A 47 14.97 -29.32 -15.56
N LEU A 48 14.45 -30.05 -14.59
CA LEU A 48 14.07 -31.45 -14.82
C LEU A 48 13.10 -31.64 -16.00
N THR A 49 12.35 -30.60 -16.40
CA THR A 49 11.32 -30.79 -17.38
C THR A 49 11.55 -29.99 -18.64
N GLN A 50 12.81 -29.61 -18.89
CA GLN A 50 13.22 -28.96 -20.15
C GLN A 50 12.55 -29.59 -21.35
N ASP A 51 12.59 -30.94 -21.38
CA ASP A 51 12.16 -31.70 -22.56
C ASP A 51 10.88 -32.47 -22.33
N LEU A 52 10.03 -31.96 -21.46
CA LEU A 52 8.82 -32.66 -21.13
C LEU A 52 8.01 -33.02 -22.35
N ASP A 53 8.06 -32.16 -23.37
CA ASP A 53 7.22 -32.29 -24.57
C ASP A 53 7.73 -33.45 -25.46
N LYS A 54 8.94 -33.92 -25.16
CA LYS A 54 9.52 -35.10 -25.81
C LYS A 54 9.42 -36.38 -24.94
N ALA A 55 9.34 -36.25 -23.62
CA ALA A 55 9.22 -37.43 -22.81
C ALA A 55 8.07 -38.32 -23.26
N ASP A 56 8.28 -39.63 -23.21
CA ASP A 56 7.18 -40.61 -23.34
C ASP A 56 6.37 -40.71 -22.01
N ALA A 57 5.34 -41.53 -21.99
CA ALA A 57 4.48 -41.49 -20.82
C ALA A 57 5.20 -41.89 -19.53
N GLU A 58 6.19 -42.77 -19.63
CA GLU A 58 6.84 -43.34 -18.44
C GLU A 58 7.83 -42.34 -17.85
N ASN A 59 8.60 -41.71 -18.72
CA ASN A 59 9.35 -40.49 -18.41
C ASN A 59 8.55 -39.35 -17.73
N ILE A 60 7.43 -38.98 -18.35
CA ILE A 60 6.58 -37.97 -17.76
C ILE A 60 6.29 -38.35 -16.32
N VAL A 61 5.92 -39.61 -16.06
CA VAL A 61 5.59 -40.03 -14.67
C VAL A 61 6.83 -39.94 -13.78
N ARG A 62 7.97 -40.27 -14.31
CA ARG A 62 9.16 -40.13 -13.53
C ARG A 62 9.42 -38.63 -13.30
N LEU A 63 9.42 -37.86 -14.38
CA LEU A 63 9.76 -36.45 -14.25
C LEU A 63 8.85 -35.69 -13.28
N LEU A 64 7.54 -35.91 -13.31
CA LEU A 64 6.65 -35.31 -12.30
C LEU A 64 6.78 -35.88 -10.88
N GLY A 65 7.05 -37.19 -10.76
CA GLY A 65 7.31 -37.80 -9.45
C GLY A 65 8.49 -37.07 -8.84
N GLN A 66 9.48 -36.81 -9.68
CA GLN A 66 10.67 -36.14 -9.26
C GLN A 66 10.37 -34.71 -8.82
N CYS A 67 9.62 -33.99 -9.67
CA CYS A 67 9.21 -32.61 -9.38
C CYS A 67 8.46 -32.61 -8.03
N ASP A 68 7.40 -33.42 -7.89
CA ASP A 68 6.70 -33.58 -6.59
C ASP A 68 7.58 -33.86 -5.38
N ALA A 69 8.61 -34.67 -5.58
CA ALA A 69 9.54 -35.06 -4.52
C ALA A 69 10.24 -33.83 -3.92
N GLU A 70 10.43 -32.80 -4.75
CA GLU A 70 11.14 -31.58 -4.31
C GLU A 70 10.43 -30.89 -3.14
N ILE A 71 9.16 -31.19 -2.94
CA ILE A 71 8.49 -30.64 -1.77
C ILE A 71 9.26 -31.04 -0.51
N PHE A 72 9.84 -32.23 -0.48
CA PHE A 72 10.44 -32.80 0.74
C PHE A 72 11.96 -32.73 0.76
N GLN A 73 12.54 -32.13 -0.27
CA GLN A 73 13.97 -31.91 -0.31
C GLN A 73 14.37 -30.85 0.73
N GLU A 74 15.53 -31.05 1.33
CA GLU A 74 16.02 -30.18 2.42
C GLU A 74 16.86 -29.08 1.86
N GLU A 75 16.99 -28.03 2.66
CA GLU A 75 17.78 -26.85 2.29
C GLU A 75 19.26 -27.21 2.21
N GLY A 76 19.92 -26.85 1.11
CA GLY A 76 21.38 -26.93 1.02
C GLY A 76 22.07 -25.98 2.01
N GLN A 77 23.37 -25.76 1.83
CA GLN A 77 24.17 -24.84 2.70
C GLN A 77 24.44 -23.49 2.02
N SER A 80 24.30 -20.14 1.02
CA SER A 80 23.28 -19.12 0.67
C SER A 80 22.10 -19.66 -0.19
N THR A 81 20.91 -19.73 0.43
CA THR A 81 19.84 -20.57 -0.10
C THR A 81 18.48 -20.28 0.54
N TYR A 82 17.41 -20.76 -0.08
CA TYR A 82 16.06 -20.49 0.41
C TYR A 82 15.51 -21.57 1.37
N GLN A 83 14.87 -21.13 2.42
CA GLN A 83 14.26 -22.03 3.36
C GLN A 83 13.21 -22.97 2.66
N ARG A 84 13.20 -24.24 3.09
CA ARG A 84 12.32 -25.26 2.58
C ARG A 84 11.43 -25.84 3.72
N LEU A 85 10.63 -26.83 3.39
CA LEU A 85 9.62 -27.29 4.34
C LEU A 85 10.21 -27.87 5.65
N TYR A 86 11.31 -28.62 5.51
CA TYR A 86 12.06 -29.19 6.65
C TYR A 86 13.09 -28.28 7.33
N SER A 87 13.15 -27.01 6.93
CA SER A 87 14.04 -26.11 7.59
C SER A 87 13.45 -25.75 8.95
N GLU A 88 14.34 -25.41 9.87
CA GLU A 88 14.00 -25.06 11.24
C GLU A 88 13.16 -23.76 11.36
N SER A 89 13.44 -22.79 10.50
CA SER A 89 12.64 -21.57 10.52
C SER A 89 11.18 -21.92 10.21
N ILE A 90 10.97 -22.71 9.16
CA ILE A 90 9.62 -23.11 8.77
C ILE A 90 8.90 -23.97 9.78
N LEU A 91 9.53 -25.01 10.33
CA LEU A 91 8.85 -25.83 11.36
C LEU A 91 8.55 -25.06 12.61
N THR A 92 9.50 -24.23 13.05
CA THR A 92 9.26 -23.30 14.17
C THR A 92 8.04 -22.43 13.95
N THR A 93 7.88 -21.93 12.73
CA THR A 93 6.69 -21.16 12.38
C THR A 93 5.43 -22.02 12.39
N MET A 94 5.52 -23.22 11.86
CA MET A 94 4.40 -24.16 11.97
C MET A 94 4.00 -24.39 13.43
N VAL A 95 5.00 -24.55 14.29
CA VAL A 95 4.76 -24.78 15.73
C VAL A 95 4.01 -23.59 16.34
N GLN A 96 4.60 -22.40 16.27
CA GLN A 96 3.92 -21.17 16.77
C GLN A 96 2.47 -21.00 16.30
N VAL A 97 2.22 -21.26 15.03
CA VAL A 97 0.85 -21.18 14.47
C VAL A 97 -0.07 -22.25 15.05
N ALA A 98 0.37 -23.50 15.05
CA ALA A 98 -0.34 -24.56 15.80
C ALA A 98 -0.79 -24.04 17.16
N GLY A 99 0.12 -23.40 17.88
CA GLY A 99 -0.16 -22.78 19.16
C GLY A 99 -1.30 -21.79 19.04
N LYS A 100 -1.21 -20.84 18.12
CA LYS A 100 -2.23 -19.79 18.04
C LYS A 100 -3.57 -20.41 17.74
N VAL A 101 -3.60 -21.41 16.85
CA VAL A 101 -4.83 -22.19 16.63
C VAL A 101 -5.35 -22.76 17.95
N GLN A 102 -4.47 -23.36 18.75
CA GLN A 102 -4.88 -23.88 20.04
C GLN A 102 -5.65 -22.87 20.90
N GLU A 103 -5.19 -21.62 21.02
CA GLU A 103 -5.93 -20.69 21.89
C GLU A 103 -7.41 -20.65 21.47
N VAL A 104 -7.64 -20.67 20.16
CA VAL A 104 -8.99 -20.56 19.59
C VAL A 104 -9.79 -21.76 19.94
N LEU A 105 -9.19 -22.94 19.78
CA LEU A 105 -9.82 -24.21 20.18
C LEU A 105 -10.16 -24.26 21.69
N LYS A 106 -9.43 -23.55 22.53
CA LYS A 106 -9.73 -23.47 23.99
C LYS A 106 -10.91 -22.57 24.24
N GLU A 107 -11.14 -21.63 23.34
CA GLU A 107 -12.19 -20.64 23.49
C GLU A 107 -13.01 -20.55 22.20
N PRO A 108 -13.75 -21.63 21.88
CA PRO A 108 -14.62 -21.65 20.70
C PRO A 108 -15.65 -20.53 20.58
N ASP A 109 -16.06 -19.93 21.70
CA ASP A 109 -17.09 -18.88 21.69
C ASP A 109 -16.56 -17.58 21.10
N GLY A 110 -17.01 -17.28 19.89
CA GLY A 110 -16.51 -16.09 19.21
C GLY A 110 -15.32 -16.40 18.32
N GLY A 111 -14.79 -17.62 18.41
CA GLY A 111 -13.64 -18.07 17.64
C GLY A 111 -14.01 -18.52 16.23
N LEU A 112 -13.11 -18.30 15.27
CA LEU A 112 -13.29 -18.81 13.89
C LEU A 112 -11.91 -19.03 13.27
N VAL A 113 -11.83 -19.90 12.28
CA VAL A 113 -10.58 -20.15 11.57
C VAL A 113 -10.93 -20.23 10.11
N VAL A 114 -10.47 -19.25 9.31
CA VAL A 114 -10.80 -19.17 7.87
C VAL A 114 -9.62 -19.58 7.01
N LEU A 115 -9.89 -20.40 6.00
CA LEU A 115 -8.87 -20.82 5.07
C LEU A 115 -9.29 -20.27 3.71
N SER A 116 -8.42 -19.47 3.09
CA SER A 116 -8.83 -18.64 1.96
C SER A 116 -7.81 -18.60 0.85
N GLY A 117 -8.23 -18.90 -0.35
CA GLY A 117 -7.38 -18.80 -1.51
C GLY A 117 -8.26 -18.62 -2.72
N GLY A 118 -7.64 -18.40 -3.87
CA GLY A 118 -8.33 -18.34 -5.14
C GLY A 118 -7.96 -19.60 -5.88
N GLY A 119 -8.83 -20.06 -6.77
CA GLY A 119 -8.51 -21.18 -7.67
C GLY A 119 -8.23 -22.40 -6.83
N THR A 120 -7.08 -23.02 -7.09
CA THR A 120 -6.78 -24.26 -6.45
C THR A 120 -6.45 -24.08 -5.02
N SER A 121 -5.95 -22.91 -4.62
CA SER A 121 -5.75 -22.68 -3.23
C SER A 121 -7.10 -22.68 -2.57
N GLY A 122 -8.08 -22.13 -3.30
CA GLY A 122 -9.46 -22.01 -2.77
C GLY A 122 -10.09 -23.40 -2.58
N ARG A 123 -9.94 -24.23 -3.60
CA ARG A 123 -10.32 -25.61 -3.54
C ARG A 123 -9.70 -26.32 -2.32
N MET A 124 -8.38 -26.22 -2.21
CA MET A 124 -7.68 -26.87 -1.12
C MET A 124 -8.23 -26.44 0.22
N ALA A 125 -8.56 -25.15 0.31
CA ALA A 125 -9.11 -24.59 1.56
C ALA A 125 -10.41 -25.29 2.01
N PHE A 126 -11.20 -25.65 1.01
CA PHE A 126 -12.56 -26.12 1.18
C PHE A 126 -12.49 -27.49 1.82
N LEU A 127 -11.81 -28.39 1.10
CA LEU A 127 -11.44 -29.70 1.60
C LEU A 127 -11.01 -29.66 3.05
N MET A 128 -9.93 -28.95 3.33
CA MET A 128 -9.39 -28.93 4.68
C MET A 128 -10.38 -28.40 5.70
N SER A 129 -11.22 -27.42 5.33
CA SER A 129 -12.18 -26.89 6.29
C SER A 129 -13.21 -27.99 6.62
N VAL A 130 -13.58 -28.78 5.62
CA VAL A 130 -14.48 -29.90 5.86
C VAL A 130 -13.85 -30.93 6.83
N SER A 131 -12.65 -31.41 6.49
CA SER A 131 -11.94 -32.37 7.30
C SER A 131 -11.90 -31.92 8.75
N PHE A 132 -11.41 -30.71 9.04
CA PHE A 132 -11.27 -30.34 10.44
C PHE A 132 -12.58 -29.98 11.10
N ASN A 133 -13.62 -29.77 10.28
CA ASN A 133 -14.99 -29.67 10.81
C ASN A 133 -15.59 -31.02 11.18
N GLN A 134 -15.36 -32.03 10.34
CA GLN A 134 -15.61 -33.41 10.68
C GLN A 134 -14.97 -33.72 12.04
N LEU A 135 -13.65 -33.66 12.09
CA LEU A 135 -12.90 -33.94 13.31
C LEU A 135 -13.49 -33.32 14.60
N MET A 136 -14.00 -32.09 14.50
CA MET A 136 -14.55 -31.44 15.71
C MET A 136 -15.95 -31.97 16.02
N LYS A 137 -16.74 -32.20 14.97
CA LYS A 137 -18.02 -32.89 15.07
C LYS A 137 -17.86 -34.31 15.63
N GLY A 138 -16.98 -35.10 15.00
CA GLY A 138 -16.55 -36.39 15.53
C GLY A 138 -16.33 -36.35 17.04
N LEU A 139 -15.75 -35.28 17.56
CA LEU A 139 -15.64 -35.06 19.00
C LEU A 139 -16.84 -34.34 19.63
N GLY A 140 -17.91 -34.10 18.86
CA GLY A 140 -19.01 -33.27 19.33
C GLY A 140 -18.61 -31.89 19.86
N GLN A 141 -17.68 -31.22 19.17
CA GLN A 141 -17.42 -29.79 19.37
C GLN A 141 -18.01 -29.03 18.17
N LYS A 142 -18.36 -27.77 18.43
CA LYS A 142 -18.97 -26.93 17.38
C LYS A 142 -17.89 -26.70 16.32
N PRO A 143 -18.26 -26.82 15.03
CA PRO A 143 -17.27 -26.63 13.97
C PRO A 143 -16.72 -25.18 13.96
N LEU A 144 -15.39 -25.02 13.91
CA LEU A 144 -14.79 -23.66 13.94
C LEU A 144 -14.17 -23.21 12.62
N TYR A 145 -14.18 -24.09 11.62
CA TYR A 145 -13.50 -23.83 10.38
C TYR A 145 -14.46 -23.39 9.35
N THR A 146 -13.96 -22.55 8.46
CA THR A 146 -14.67 -22.28 7.23
C THR A 146 -13.66 -21.93 6.16
N TYR A 147 -14.13 -21.80 4.93
CA TYR A 147 -13.24 -21.56 3.81
C TYR A 147 -13.77 -20.32 3.06
N LEU A 148 -12.97 -19.76 2.15
CA LEU A 148 -13.37 -18.65 1.27
C LEU A 148 -12.69 -18.94 -0.02
N ILE A 149 -13.41 -18.79 -1.11
CA ILE A 149 -12.81 -18.94 -2.39
C ILE A 149 -13.17 -17.74 -3.28
N ALA A 150 -12.19 -17.28 -4.06
CA ALA A 150 -12.42 -16.21 -5.02
C ALA A 150 -13.61 -16.61 -5.85
N GLY A 151 -14.68 -15.83 -5.70
CA GLY A 151 -15.82 -15.89 -6.59
C GLY A 151 -16.99 -16.62 -5.96
N GLY A 152 -16.99 -16.76 -4.63
CA GLY A 152 -17.93 -17.59 -3.87
C GLY A 152 -17.86 -19.12 -4.08
N ASP A 153 -18.71 -19.81 -3.34
CA ASP A 153 -18.75 -21.27 -3.27
C ASP A 153 -18.86 -21.94 -4.61
N ARG A 154 -19.63 -21.37 -5.51
CA ARG A 154 -19.64 -21.90 -6.86
C ARG A 154 -18.22 -22.13 -7.40
N SER A 155 -17.25 -21.32 -6.97
CA SER A 155 -15.88 -21.44 -7.50
C SER A 155 -15.18 -22.79 -7.17
N VAL A 156 -15.61 -23.49 -6.11
CA VAL A 156 -14.96 -24.78 -5.69
C VAL A 156 -14.88 -25.80 -6.79
N VAL A 157 -15.93 -25.88 -7.60
CA VAL A 157 -16.02 -26.90 -8.62
C VAL A 157 -16.12 -26.31 -10.02
N ALA A 158 -15.79 -25.02 -10.13
CA ALA A 158 -15.84 -24.31 -11.41
C ALA A 158 -14.47 -23.78 -11.84
N SER A 159 -14.27 -23.69 -13.16
CA SER A 159 -13.13 -22.95 -13.76
C SER A 159 -13.46 -21.48 -13.80
N ARG A 160 -12.98 -20.70 -12.84
CA ARG A 160 -13.31 -19.28 -12.78
C ARG A 160 -12.08 -18.43 -12.47
N GLU A 161 -11.11 -18.52 -13.36
CA GLU A 161 -9.81 -17.90 -13.19
C GLU A 161 -9.80 -16.36 -12.98
N GLY A 162 -10.88 -15.69 -13.38
CA GLY A 162 -10.96 -14.23 -13.34
C GLY A 162 -11.24 -13.59 -12.01
N THR A 163 -11.72 -14.38 -11.05
CA THR A 163 -12.28 -13.83 -9.80
C THR A 163 -11.25 -13.46 -8.70
N GLU A 164 -10.01 -13.92 -8.87
CA GLU A 164 -8.95 -13.64 -7.89
C GLU A 164 -8.31 -12.20 -7.84
N ASP A 165 -8.76 -11.31 -8.74
CA ASP A 165 -8.08 -10.02 -9.05
C ASP A 165 -8.62 -8.82 -8.26
N SER A 166 -9.63 -9.03 -7.42
CA SER A 166 -10.19 -7.96 -6.60
C SER A 166 -9.90 -8.15 -5.12
N ALA A 167 -9.09 -7.24 -4.57
CA ALA A 167 -8.83 -7.18 -3.14
C ALA A 167 -10.07 -6.80 -2.37
N LEU A 168 -10.87 -5.90 -2.92
CA LEU A 168 -12.13 -5.53 -2.24
C LEU A 168 -13.04 -6.74 -2.13
N HIS A 169 -13.16 -7.49 -3.20
CA HIS A 169 -13.93 -8.72 -3.12
C HIS A 169 -13.41 -9.60 -1.93
N GLY A 170 -12.11 -9.84 -1.86
CA GLY A 170 -11.57 -10.73 -0.86
C GLY A 170 -12.00 -10.31 0.52
N ILE A 171 -11.95 -9.00 0.74
CA ILE A 171 -12.22 -8.40 2.02
C ILE A 171 -13.70 -8.54 2.39
N GLU A 172 -14.56 -8.29 1.40
CA GLU A 172 -16.01 -8.42 1.53
C GLU A 172 -16.41 -9.82 2.02
N GLU A 173 -15.90 -10.84 1.35
CA GLU A 173 -16.11 -12.24 1.74
C GLU A 173 -15.65 -12.50 3.16
N LEU A 174 -14.51 -11.91 3.50
CA LEU A 174 -13.97 -12.04 4.82
C LEU A 174 -14.85 -11.32 5.85
N LYS A 175 -15.36 -10.16 5.48
CA LYS A 175 -16.28 -9.44 6.37
C LYS A 175 -17.54 -10.25 6.63
N LYS A 176 -18.05 -10.95 5.63
CA LYS A 176 -19.31 -11.69 5.76
C LYS A 176 -19.13 -12.74 6.83
N VAL A 177 -18.29 -13.70 6.47
CA VAL A 177 -17.95 -14.80 7.33
C VAL A 177 -17.48 -14.43 8.73
N ALA A 178 -16.76 -13.33 8.95
CA ALA A 178 -16.28 -13.00 10.31
C ALA A 178 -17.24 -12.11 11.12
N ALA A 179 -18.51 -12.10 10.69
CA ALA A 179 -19.71 -11.86 11.53
C ALA A 179 -19.47 -10.95 12.73
N GLY A 180 -19.83 -11.38 13.93
CA GLY A 180 -19.40 -10.68 15.14
C GLY A 180 -18.57 -11.65 15.98
N LYS A 181 -17.69 -12.39 15.30
CA LYS A 181 -16.66 -13.23 15.93
C LYS A 181 -15.74 -12.35 16.75
N LYS A 182 -15.07 -12.92 17.74
CA LYS A 182 -14.17 -12.19 18.63
C LYS A 182 -12.69 -12.50 18.39
N ARG A 183 -12.39 -13.64 17.78
CA ARG A 183 -11.03 -14.12 17.53
C ARG A 183 -11.07 -14.92 16.22
N VAL A 184 -10.44 -14.36 15.19
CA VAL A 184 -10.46 -14.94 13.86
C VAL A 184 -9.04 -15.24 13.36
N ILE A 185 -8.80 -16.46 12.92
CA ILE A 185 -7.53 -16.79 12.31
C ILE A 185 -7.76 -16.95 10.83
N VAL A 186 -7.03 -16.15 10.04
CA VAL A 186 -7.22 -16.10 8.59
C VAL A 186 -5.97 -16.62 7.89
N ILE A 187 -6.11 -17.83 7.39
CA ILE A 187 -5.05 -18.45 6.63
C ILE A 187 -5.21 -18.18 5.16
N GLY A 188 -4.45 -17.16 4.70
CA GLY A 188 -4.48 -16.76 3.30
C GLY A 188 -3.55 -17.59 2.49
N ILE A 189 -4.05 -18.28 1.50
CA ILE A 189 -3.26 -19.22 0.75
C ILE A 189 -3.10 -18.65 -0.64
N SER A 190 -1.88 -18.28 -0.99
CA SER A 190 -1.58 -17.94 -2.38
C SER A 190 -0.18 -18.45 -2.64
N VAL A 191 -0.13 -19.41 -3.54
CA VAL A 191 1.04 -20.16 -3.78
C VAL A 191 2.14 -19.27 -4.29
N GLY A 192 1.78 -18.40 -5.20
CA GLY A 192 2.72 -17.47 -5.80
C GLY A 192 2.89 -16.21 -4.97
N LEU A 193 2.31 -16.17 -3.78
CA LEU A 193 2.18 -14.93 -2.99
C LEU A 193 1.71 -13.81 -3.96
N SER A 194 0.57 -14.05 -4.60
CA SER A 194 0.18 -13.34 -5.76
C SER A 194 -1.29 -12.87 -5.80
N ALA A 195 -2.26 -13.60 -5.23
CA ALA A 195 -3.66 -13.28 -5.51
C ALA A 195 -4.17 -12.01 -4.80
N PRO A 196 -4.73 -11.04 -5.55
CA PRO A 196 -5.22 -9.85 -4.92
C PRO A 196 -6.28 -10.13 -3.88
N PHE A 197 -7.12 -11.11 -4.15
CA PHE A 197 -8.12 -11.64 -3.22
C PHE A 197 -7.51 -11.87 -1.83
N VAL A 198 -6.38 -12.56 -1.74
CA VAL A 198 -5.76 -12.80 -0.43
C VAL A 198 -5.10 -11.56 0.11
N ALA A 199 -4.46 -10.78 -0.77
CA ALA A 199 -3.67 -9.59 -0.31
C ALA A 199 -4.56 -8.66 0.53
N GLY A 200 -5.74 -8.37 0.04
CA GLY A 200 -6.65 -7.55 0.82
C GLY A 200 -7.08 -8.11 2.17
N GLN A 201 -7.24 -9.44 2.28
CA GLN A 201 -7.68 -10.06 3.53
C GLN A 201 -6.58 -9.90 4.58
N MET A 202 -5.34 -10.12 4.13
CA MET A 202 -4.22 -10.09 5.02
C MET A 202 -4.05 -8.67 5.54
N ASP A 203 -4.19 -7.71 4.63
CA ASP A 203 -3.97 -6.30 4.94
C ASP A 203 -5.02 -5.83 5.94
N CYS A 204 -6.28 -6.14 5.64
CA CYS A 204 -7.41 -5.89 6.56
C CYS A 204 -7.15 -6.49 7.95
N CYS A 205 -6.70 -7.75 8.01
CA CYS A 205 -6.38 -8.39 9.31
C CYS A 205 -5.39 -7.58 10.05
N MET A 206 -4.35 -7.11 9.36
CA MET A 206 -3.31 -6.33 10.07
C MET A 206 -3.84 -5.00 10.61
N ASN A 207 -4.98 -4.54 10.09
CA ASN A 207 -5.57 -3.34 10.64
C ASN A 207 -6.49 -3.64 11.83
N ASN A 208 -6.82 -4.88 12.10
CA ASN A 208 -7.57 -5.22 13.30
C ASN A 208 -7.06 -6.48 14.04
N THR A 209 -5.94 -6.28 14.72
CA THR A 209 -5.17 -7.31 15.34
C THR A 209 -5.81 -7.79 16.62
N ALA A 210 -6.52 -6.90 17.30
CA ALA A 210 -7.39 -7.23 18.40
C ALA A 210 -8.29 -8.42 18.07
N VAL A 211 -8.75 -8.51 16.83
CA VAL A 211 -9.64 -9.60 16.39
C VAL A 211 -8.93 -10.59 15.48
N PHE A 212 -8.28 -10.09 14.43
CA PHE A 212 -7.75 -10.96 13.40
C PHE A 212 -6.31 -11.37 13.63
N LEU A 213 -6.03 -12.60 13.27
CA LEU A 213 -4.67 -13.10 13.09
C LEU A 213 -4.53 -13.68 11.68
N PRO A 214 -3.77 -12.95 10.83
CA PRO A 214 -3.44 -13.39 9.50
C PRO A 214 -2.23 -14.30 9.46
N VAL A 215 -2.36 -15.37 8.68
CA VAL A 215 -1.27 -16.27 8.46
C VAL A 215 -1.23 -16.49 6.96
N LEU A 216 -0.11 -16.17 6.32
CA LEU A 216 -0.05 -16.21 4.88
C LEU A 216 0.74 -17.43 4.48
N VAL A 217 0.18 -18.17 3.53
CA VAL A 217 0.80 -19.36 3.01
C VAL A 217 1.05 -19.31 1.55
N GLY A 218 2.24 -19.71 1.14
CA GLY A 218 2.64 -19.70 -0.27
C GLY A 218 4.05 -20.23 -0.35
N PHE A 219 4.66 -20.15 -1.53
CA PHE A 219 5.87 -20.92 -1.78
C PHE A 219 6.95 -20.13 -2.52
N ASN A 220 6.91 -18.81 -2.34
CA ASN A 220 8.01 -17.96 -2.71
C ASN A 220 8.61 -17.27 -1.49
N PRO A 221 9.92 -16.99 -1.52
CA PRO A 221 10.44 -16.05 -0.50
C PRO A 221 9.71 -14.73 -0.65
N VAL A 222 9.53 -14.02 0.45
CA VAL A 222 8.83 -12.77 0.39
C VAL A 222 9.46 -11.77 -0.59
N SER A 223 10.74 -11.84 -0.85
CA SER A 223 11.33 -10.99 -1.85
C SER A 223 10.93 -11.32 -3.26
N MET A 224 10.17 -12.38 -3.48
CA MET A 224 9.67 -12.66 -4.81
C MET A 224 8.16 -12.59 -4.82
N ALA A 225 7.60 -12.03 -3.76
CA ALA A 225 6.16 -11.89 -3.66
C ALA A 225 5.72 -10.93 -4.72
N ARG A 226 4.51 -11.09 -5.20
CA ARG A 226 4.05 -10.27 -6.34
C ARG A 226 4.08 -8.80 -5.99
N ASN A 227 4.53 -7.99 -6.96
CA ASN A 227 4.75 -6.57 -6.70
C ASN A 227 4.24 -5.58 -7.69
N ASP A 228 3.46 -5.99 -8.68
CA ASP A 228 2.77 -5.03 -9.56
C ASP A 228 1.48 -4.52 -8.87
N PRO A 229 0.96 -3.33 -9.27
CA PRO A 229 -0.20 -2.75 -8.57
C PRO A 229 -1.46 -3.57 -8.78
N ILE A 230 -2.28 -3.60 -7.77
CA ILE A 230 -3.60 -4.19 -7.80
C ILE A 230 -4.55 -3.05 -8.08
N GLU A 231 -5.50 -3.28 -8.97
CA GLU A 231 -6.39 -2.25 -9.47
C GLU A 231 -7.27 -1.61 -8.44
N ASP A 232 -7.81 -2.40 -7.53
CA ASP A 232 -8.66 -1.86 -6.47
C ASP A 232 -7.94 -1.74 -5.12
N TRP A 233 -6.60 -1.68 -5.10
CA TRP A 233 -5.91 -1.66 -3.79
C TRP A 233 -4.57 -0.93 -3.92
N SER A 234 -4.17 -0.25 -2.86
CA SER A 234 -3.03 0.67 -2.89
C SER A 234 -1.67 0.03 -2.65
N SER A 235 -1.65 -0.99 -1.78
CA SER A 235 -0.43 -1.74 -1.45
C SER A 235 -0.23 -2.89 -2.42
N THR A 236 0.96 -3.43 -2.54
CA THR A 236 1.17 -4.67 -3.33
C THR A 236 1.23 -5.92 -2.45
N PHE A 237 1.18 -7.12 -3.05
CA PHE A 237 1.35 -8.36 -2.21
C PHE A 237 2.66 -8.30 -1.41
N ARG A 238 3.73 -7.92 -2.12
CA ARG A 238 5.06 -7.87 -1.51
C ARG A 238 5.06 -7.01 -0.26
N GLN A 239 4.33 -5.91 -0.30
CA GLN A 239 4.31 -4.98 0.83
C GLN A 239 3.59 -5.52 2.04
N VAL A 240 2.47 -6.12 1.73
CA VAL A 240 1.68 -6.77 2.71
C VAL A 240 2.49 -7.88 3.31
N ALA A 241 3.09 -8.74 2.49
CA ALA A 241 3.83 -9.84 3.06
C ALA A 241 5.00 -9.32 3.86
N GLU A 242 5.67 -8.26 3.41
CA GLU A 242 6.83 -7.77 4.20
C GLU A 242 6.36 -7.27 5.57
N ARG A 243 5.18 -6.64 5.62
CA ARG A 243 4.70 -6.09 6.90
C ARG A 243 4.30 -7.22 7.85
N MET A 244 3.77 -8.33 7.29
CA MET A 244 3.37 -9.47 8.09
C MET A 244 4.61 -10.12 8.72
N GLN A 245 5.70 -10.16 7.97
CA GLN A 245 6.95 -10.69 8.49
C GLN A 245 7.49 -9.84 9.65
N LYS A 246 7.45 -8.52 9.53
CA LYS A 246 7.78 -7.65 10.66
C LYS A 246 6.90 -7.96 11.87
N MET A 247 5.61 -8.22 11.67
CA MET A 247 4.69 -8.51 12.79
C MET A 247 4.94 -9.86 13.42
N GLN A 248 5.59 -10.76 12.70
CA GLN A 248 5.78 -12.11 13.18
C GLN A 248 6.66 -12.12 14.42
N GLU A 249 7.70 -11.29 14.42
CA GLU A 249 8.55 -11.08 15.59
C GLU A 249 7.78 -10.79 16.87
N LYS A 250 6.55 -10.30 16.76
CA LYS A 250 5.67 -10.07 17.91
C LYS A 250 4.52 -11.08 17.88
N GLN A 251 4.61 -12.10 17.02
CA GLN A 251 3.56 -13.16 16.95
C GLN A 251 2.15 -12.68 16.61
N LYS A 252 2.03 -11.56 15.91
CA LYS A 252 0.69 -11.10 15.53
C LYS A 252 0.40 -11.30 14.03
N ALA A 253 1.38 -11.79 13.27
CA ALA A 253 1.16 -12.35 11.94
C ALA A 253 2.18 -13.40 11.71
N PHE A 254 1.93 -14.27 10.72
CA PHE A 254 2.89 -15.29 10.34
C PHE A 254 2.91 -15.46 8.84
N VAL A 255 4.11 -15.74 8.30
CA VAL A 255 4.27 -16.06 6.91
C VAL A 255 4.93 -17.43 6.86
N LEU A 256 4.29 -18.36 6.17
CA LEU A 256 4.75 -19.73 6.04
C LEU A 256 5.02 -20.00 4.58
N ASN A 257 6.28 -19.91 4.19
CA ASN A 257 6.63 -19.82 2.79
C ASN A 257 7.86 -20.61 2.39
N PRO A 258 7.79 -21.95 2.54
CA PRO A 258 8.91 -22.80 2.09
C PRO A 258 9.02 -22.85 0.59
N ALA A 259 10.23 -22.91 0.06
CA ALA A 259 10.42 -23.15 -1.35
C ALA A 259 10.21 -24.64 -1.62
N ILE A 260 9.44 -24.94 -2.65
CA ILE A 260 9.27 -26.34 -3.06
C ILE A 260 9.77 -26.58 -4.49
N GLY A 261 10.47 -25.58 -5.05
CA GLY A 261 11.01 -25.66 -6.45
C GLY A 261 9.90 -25.52 -7.50
N PRO A 262 10.26 -25.23 -8.74
CA PRO A 262 9.25 -24.93 -9.72
C PRO A 262 8.35 -26.08 -10.07
N GLU A 263 7.19 -25.76 -10.64
CA GLU A 263 6.24 -26.78 -11.09
C GLU A 263 6.81 -27.45 -12.33
N GLY A 264 6.49 -28.73 -12.53
CA GLY A 264 6.96 -29.43 -13.69
C GLY A 264 6.38 -28.80 -14.97
N LEU A 265 5.13 -28.35 -14.87
CA LEU A 265 4.53 -27.44 -15.89
C LEU A 265 4.60 -26.03 -15.34
N SER A 266 5.49 -25.22 -15.92
CA SER A 266 5.82 -23.89 -15.46
C SER A 266 4.57 -23.12 -15.06
N GLY A 267 4.52 -22.70 -13.78
CA GLY A 267 3.49 -21.84 -13.30
C GLY A 267 2.19 -22.54 -13.07
N SER A 268 2.21 -23.88 -13.15
CA SER A 268 1.00 -24.67 -12.92
C SER A 268 0.85 -25.02 -11.45
N SER A 269 0.52 -24.02 -10.64
CA SER A 269 0.51 -24.15 -9.20
C SER A 269 -0.63 -25.02 -8.63
N ARG A 270 -1.51 -25.51 -9.50
CA ARG A 270 -2.48 -26.48 -9.04
C ARG A 270 -1.76 -27.75 -8.56
N MET A 271 -0.57 -28.01 -9.10
CA MET A 271 0.16 -29.25 -8.86
C MET A 271 0.93 -29.26 -7.56
N LYS A 272 2.25 -29.07 -7.60
CA LYS A 272 2.99 -28.98 -6.35
C LYS A 272 2.41 -28.01 -5.36
N GLY A 273 1.90 -26.86 -5.84
CA GLY A 273 1.45 -25.82 -4.97
C GLY A 273 0.22 -26.25 -4.17
N GLY A 274 -0.73 -26.84 -4.88
CA GLY A 274 -1.90 -27.41 -4.19
C GLY A 274 -1.48 -28.52 -3.20
N SER A 275 -0.59 -29.42 -3.66
CA SER A 275 -0.13 -30.52 -2.78
C SER A 275 0.52 -30.00 -1.51
N ALA A 276 1.58 -29.19 -1.69
CA ALA A 276 2.26 -28.65 -0.53
C ALA A 276 1.30 -27.87 0.40
N THR A 277 0.20 -27.33 -0.13
CA THR A 277 -0.66 -26.55 0.73
C THR A 277 -1.28 -27.50 1.76
N LYS A 278 -1.82 -28.62 1.27
CA LYS A 278 -2.38 -29.71 2.13
C LYS A 278 -1.35 -30.20 3.13
N ILE A 279 -0.21 -30.58 2.61
CA ILE A 279 0.82 -31.22 3.42
C ILE A 279 1.05 -30.28 4.57
N LEU A 280 1.27 -29.04 4.19
CA LEU A 280 1.68 -28.07 5.18
C LEU A 280 0.59 -27.78 6.17
N LEU A 281 -0.63 -27.53 5.69
CA LEU A 281 -1.70 -27.12 6.61
C LEU A 281 -2.36 -28.28 7.43
N GLU A 282 -2.55 -29.42 6.77
CA GLU A 282 -3.12 -30.60 7.46
C GLU A 282 -2.21 -30.94 8.65
N THR A 283 -0.94 -31.17 8.36
CA THR A 283 0.10 -31.36 9.36
C THR A 283 -0.05 -30.48 10.59
N LEU A 284 -0.15 -29.17 10.32
CA LEU A 284 -0.08 -28.17 11.36
C LEU A 284 -1.38 -28.15 12.20
N LEU A 285 -2.49 -28.21 11.51
CA LEU A 285 -3.73 -28.14 12.23
C LEU A 285 -3.93 -29.46 13.02
N LEU A 286 -3.71 -30.61 12.34
CA LEU A 286 -3.81 -31.92 12.97
C LEU A 286 -2.96 -32.03 14.24
N ALA A 287 -1.70 -31.58 14.15
CA ALA A 287 -0.86 -31.38 15.34
C ALA A 287 -1.50 -30.56 16.46
N ALA A 288 -2.22 -29.51 16.06
CA ALA A 288 -2.79 -28.57 17.01
C ALA A 288 -3.91 -29.25 17.76
N HIS A 289 -4.81 -29.91 17.02
CA HIS A 289 -5.93 -30.63 17.64
C HIS A 289 -5.37 -31.77 18.51
N LYS A 290 -4.63 -32.67 17.88
CA LYS A 290 -4.19 -33.90 18.55
C LYS A 290 -3.36 -33.57 19.81
N THR A 291 -2.65 -32.45 19.83
CA THR A 291 -1.96 -32.04 21.05
C THR A 291 -2.74 -31.14 22.03
N VAL A 292 -3.90 -30.56 21.69
CA VAL A 292 -4.67 -29.90 22.77
C VAL A 292 -5.26 -30.90 23.76
N ASP A 293 -5.82 -31.98 23.23
CA ASP A 293 -6.56 -32.92 24.08
C ASP A 293 -5.60 -33.81 24.85
N GLN A 294 -4.29 -33.72 24.60
CA GLN A 294 -3.27 -34.24 25.55
C GLN A 294 -2.64 -33.15 26.43
N GLY A 295 -3.22 -31.95 26.48
CA GLY A 295 -2.62 -30.84 27.24
C GLY A 295 -1.10 -30.80 27.11
N ILE A 296 -0.65 -30.91 25.87
CA ILE A 296 0.77 -30.79 25.51
C ILE A 296 0.91 -29.76 24.36
N ALA A 297 1.89 -28.86 24.44
CA ALA A 297 2.16 -27.96 23.31
C ALA A 297 2.49 -28.76 22.06
N ALA A 298 2.12 -28.25 20.89
CA ALA A 298 2.65 -28.86 19.66
C ALA A 298 4.18 -28.66 19.56
N SER A 299 4.88 -29.65 19.03
CA SER A 299 6.36 -29.65 18.96
C SER A 299 6.75 -30.03 17.53
N GLN A 300 7.99 -29.72 17.13
CA GLN A 300 8.49 -30.06 15.78
C GLN A 300 8.40 -31.55 15.60
N ARG A 301 8.70 -32.29 16.68
CA ARG A 301 8.54 -33.74 16.69
C ARG A 301 7.12 -34.20 16.33
N CYS A 302 6.05 -33.60 16.84
CA CYS A 302 4.72 -34.03 16.36
C CYS A 302 4.51 -33.69 14.86
N LEU A 303 4.93 -32.50 14.44
CA LEU A 303 4.84 -32.11 13.04
C LEU A 303 5.60 -33.07 12.14
N LEU A 304 6.83 -33.38 12.53
CA LEU A 304 7.71 -34.20 11.71
C LEU A 304 7.14 -35.60 11.44
N GLU A 305 6.44 -36.15 12.43
CA GLU A 305 5.83 -37.47 12.30
C GLU A 305 4.89 -37.42 11.13
N ILE A 306 4.04 -36.40 11.15
CA ILE A 306 3.09 -36.17 10.06
C ILE A 306 3.75 -35.91 8.71
N LEU A 307 4.76 -35.03 8.68
CA LEU A 307 5.44 -34.73 7.40
C LEU A 307 6.06 -35.96 6.82
N ARG A 308 6.73 -36.72 7.69
CA ARG A 308 7.39 -37.95 7.18
C ARG A 308 6.33 -38.91 6.65
N THR A 309 5.18 -38.96 7.32
CA THR A 309 4.13 -39.83 6.79
C THR A 309 3.74 -39.36 5.40
N PHE A 310 3.54 -38.05 5.26
CA PHE A 310 3.24 -37.50 3.92
C PHE A 310 4.36 -37.81 2.97
N GLU A 311 5.61 -37.80 3.42
CA GLU A 311 6.72 -38.08 2.49
C GLU A 311 6.70 -39.58 2.02
N ARG A 312 6.26 -40.48 2.91
CA ARG A 312 6.15 -41.93 2.57
C ARG A 312 5.13 -42.05 1.47
N ALA A 313 4.00 -41.38 1.70
CA ALA A 313 2.89 -41.38 0.77
C ALA A 313 3.28 -41.00 -0.67
N HIS A 314 4.27 -40.14 -0.82
CA HIS A 314 4.79 -39.93 -2.17
C HIS A 314 5.46 -41.16 -2.67
N GLN A 315 6.30 -41.78 -1.84
CA GLN A 315 7.02 -43.02 -2.21
C GLN A 315 6.03 -44.17 -2.55
N VAL A 316 5.12 -44.42 -1.63
CA VAL A 316 4.03 -45.37 -1.85
C VAL A 316 3.40 -45.09 -3.20
N THR A 317 3.01 -43.83 -3.42
CA THR A 317 2.20 -43.45 -4.58
C THR A 317 2.92 -43.73 -5.90
N TYR A 318 4.17 -43.30 -6.02
CA TYR A 318 4.88 -43.42 -7.29
C TYR A 318 5.51 -44.81 -7.52
N SER A 319 5.43 -45.70 -6.54
CA SER A 319 5.91 -47.08 -6.75
C SER A 319 4.97 -47.75 -7.74
N GLN A 320 3.71 -47.30 -7.77
CA GLN A 320 2.80 -47.65 -8.85
C GLN A 320 3.00 -46.87 -10.14
N SER A 321 4.22 -46.44 -10.46
CA SER A 321 4.42 -45.61 -11.68
C SER A 321 4.00 -46.22 -13.05
N PRO A 322 4.39 -47.47 -13.32
CA PRO A 322 3.99 -48.08 -14.61
C PRO A 322 2.48 -48.07 -14.89
N LYS A 323 1.68 -48.37 -13.87
CA LYS A 323 0.21 -48.42 -14.04
C LYS A 323 -0.27 -47.00 -14.31
N ILE A 324 0.30 -46.05 -13.57
CA ILE A 324 0.02 -44.62 -13.74
C ILE A 324 0.38 -44.19 -15.15
N ALA A 325 1.54 -44.59 -15.67
CA ALA A 325 1.88 -44.30 -17.08
C ALA A 325 0.87 -44.89 -18.09
N THR A 326 0.39 -46.10 -17.83
CA THR A 326 -0.55 -46.79 -18.74
C THR A 326 -1.90 -46.06 -18.77
N LEU A 327 -2.44 -45.74 -17.59
CA LEU A 327 -3.67 -44.97 -17.49
C LEU A 327 -3.53 -43.64 -18.23
N MET A 328 -2.36 -43.02 -18.10
CA MET A 328 -2.06 -41.80 -18.83
C MET A 328 -2.22 -42.06 -20.32
N LYS A 329 -1.58 -43.12 -20.82
CA LYS A 329 -1.74 -43.47 -22.24
C LYS A 329 -3.21 -43.69 -22.64
N SER A 330 -4.01 -44.38 -21.84
CA SER A 330 -5.44 -44.55 -22.17
C SER A 330 -6.21 -43.20 -22.20
N VAL A 331 -5.95 -42.33 -21.22
CA VAL A 331 -6.55 -40.99 -21.21
C VAL A 331 -6.12 -40.17 -22.43
N SER A 332 -4.88 -40.30 -22.82
CA SER A 332 -4.39 -39.53 -23.94
C SER A 332 -5.02 -40.02 -25.23
N THR A 333 -5.23 -41.34 -25.36
CA THR A 333 -5.82 -41.91 -26.59
C THR A 333 -7.27 -41.46 -26.73
N SER A 334 -8.07 -41.61 -25.67
CA SER A 334 -9.49 -41.19 -25.68
C SER A 334 -9.69 -39.75 -26.12
N LEU A 335 -8.71 -38.91 -25.81
CA LEU A 335 -8.70 -37.51 -26.17
C LEU A 335 -8.11 -37.32 -27.53
N GLU A 336 -7.07 -38.10 -27.83
CA GLU A 336 -6.51 -38.10 -29.17
C GLU A 336 -7.57 -38.44 -30.20
N LYS A 337 -8.49 -39.36 -29.88
CA LYS A 337 -9.53 -39.74 -30.85
C LYS A 337 -10.53 -38.59 -30.85
N LYS A 338 -11.58 -38.66 -30.04
CA LYS A 338 -12.28 -37.44 -29.65
C LYS A 338 -13.28 -37.78 -28.59
N GLY A 339 -12.88 -38.69 -27.71
CA GLY A 339 -13.75 -39.23 -26.70
C GLY A 339 -13.66 -38.43 -25.43
N HIS A 340 -14.08 -39.03 -24.34
CA HIS A 340 -14.18 -38.35 -23.07
C HIS A 340 -13.66 -39.26 -21.97
N VAL A 341 -13.40 -38.64 -20.83
CA VAL A 341 -12.76 -39.28 -19.71
C VAL A 341 -13.55 -38.92 -18.48
N TYR A 342 -13.99 -39.95 -17.78
CA TYR A 342 -14.86 -39.76 -16.66
C TYR A 342 -14.07 -40.26 -15.45
N LEU A 343 -14.18 -39.52 -14.35
CA LEU A 343 -13.46 -39.84 -13.15
C LEU A 343 -14.53 -40.06 -12.12
N VAL A 344 -14.66 -41.32 -11.68
CA VAL A 344 -15.80 -41.65 -10.88
C VAL A 344 -15.29 -42.03 -9.52
N GLY A 345 -15.70 -41.32 -8.49
CA GLY A 345 -15.11 -41.52 -7.20
C GLY A 345 -16.06 -41.26 -6.08
N TRP A 346 -15.68 -41.67 -4.87
CA TRP A 346 -16.60 -41.67 -3.75
C TRP A 346 -16.06 -40.79 -2.65
N GLN A 347 -17.00 -40.28 -1.87
CA GLN A 347 -16.75 -39.17 -0.98
C GLN A 347 -15.68 -38.20 -1.52
N THR A 348 -14.81 -37.79 -0.62
CA THR A 348 -13.73 -36.90 -0.87
C THR A 348 -12.93 -37.14 -2.12
N LEU A 349 -12.64 -38.38 -2.45
CA LEU A 349 -11.84 -38.63 -3.65
C LEU A 349 -12.66 -38.38 -4.89
N GLY A 350 -13.99 -38.39 -4.78
CA GLY A 350 -14.82 -37.99 -5.92
C GLY A 350 -14.63 -36.50 -6.24
N ILE A 351 -14.67 -35.69 -5.19
CA ILE A 351 -14.51 -34.25 -5.26
C ILE A 351 -13.16 -33.88 -5.88
N ILE A 352 -12.10 -34.47 -5.35
CA ILE A 352 -10.77 -34.31 -5.92
C ILE A 352 -10.82 -34.59 -7.39
N ALA A 353 -11.65 -35.55 -7.81
CA ALA A 353 -11.70 -35.96 -9.24
C ALA A 353 -12.32 -34.84 -10.11
N ILE A 354 -13.35 -34.20 -9.52
CA ILE A 354 -14.04 -33.07 -10.12
C ILE A 354 -13.09 -31.87 -10.24
N MET A 355 -12.35 -31.64 -9.16
CA MET A 355 -11.40 -30.57 -9.12
C MET A 355 -10.38 -30.78 -10.17
N ASP A 356 -9.91 -32.00 -10.35
CA ASP A 356 -8.90 -32.19 -11.39
C ASP A 356 -9.44 -31.85 -12.74
N GLY A 357 -10.66 -32.30 -13.01
CA GLY A 357 -11.17 -32.28 -14.39
C GLY A 357 -11.48 -30.86 -14.85
N VAL A 358 -12.23 -30.16 -13.99
CA VAL A 358 -12.45 -28.74 -14.10
C VAL A 358 -11.14 -27.93 -14.36
N GLU A 359 -10.05 -28.26 -13.65
CA GLU A 359 -8.82 -27.50 -13.81
C GLU A 359 -8.20 -27.65 -15.18
N CYS A 360 -8.57 -28.73 -15.89
CA CYS A 360 -8.05 -28.96 -17.26
C CYS A 360 -8.61 -27.99 -18.30
N ILE A 361 -9.75 -27.39 -17.96
CA ILE A 361 -10.43 -26.44 -18.83
C ILE A 361 -9.51 -25.25 -19.02
N HIS A 362 -9.18 -24.58 -17.92
CA HIS A 362 -8.29 -23.43 -18.04
C HIS A 362 -6.88 -23.88 -18.27
N THR A 363 -6.43 -24.89 -17.55
CA THR A 363 -5.03 -25.26 -17.67
C THR A 363 -4.68 -25.71 -19.08
N PHE A 364 -5.55 -26.44 -19.77
CA PHE A 364 -5.21 -26.83 -21.14
C PHE A 364 -6.12 -26.37 -22.29
N GLY A 365 -7.05 -25.46 -21.99
CA GLY A 365 -8.01 -25.03 -22.98
C GLY A 365 -8.94 -26.16 -23.38
N ALA A 366 -9.23 -27.04 -22.43
CA ALA A 366 -9.88 -28.29 -22.75
C ALA A 366 -11.32 -28.07 -22.48
N ASP A 367 -12.22 -28.63 -23.31
CA ASP A 367 -13.67 -28.63 -23.04
C ASP A 367 -14.02 -29.44 -21.76
N PHE A 368 -15.06 -29.03 -21.03
CA PHE A 368 -15.41 -29.68 -19.75
C PHE A 368 -15.79 -31.16 -19.81
N ARG A 369 -16.09 -31.65 -21.00
CA ARG A 369 -16.40 -33.05 -21.18
C ARG A 369 -15.10 -33.87 -21.25
N ASP A 370 -14.01 -33.23 -21.66
CA ASP A 370 -12.76 -33.96 -21.95
C ASP A 370 -12.21 -34.80 -20.79
N VAL A 371 -12.35 -34.28 -19.58
CA VAL A 371 -11.94 -34.92 -18.35
C VAL A 371 -12.87 -34.32 -17.30
N ARG A 372 -13.88 -35.08 -16.93
CA ARG A 372 -15.05 -34.62 -16.17
C ARG A 372 -15.01 -35.40 -14.85
N GLY A 373 -15.50 -34.83 -13.77
CA GLY A 373 -15.50 -35.50 -12.47
C GLY A 373 -16.89 -35.76 -11.94
N PHE A 374 -16.99 -36.71 -11.02
CA PHE A 374 -18.26 -37.27 -10.58
C PHE A 374 -18.17 -37.80 -9.15
N LEU A 375 -19.05 -37.35 -8.26
CA LEU A 375 -19.15 -37.90 -6.90
C LEU A 375 -20.43 -38.74 -6.69
N ILE A 376 -20.28 -39.92 -6.07
CA ILE A 376 -21.44 -40.75 -5.72
C ILE A 376 -21.66 -40.78 -4.22
N PHE A 396 -22.49 -32.67 -11.18
CA PHE A 396 -21.20 -33.28 -10.77
C PHE A 396 -21.38 -34.33 -9.65
N THR A 397 -22.42 -34.16 -8.85
CA THR A 397 -22.70 -35.01 -7.72
C THR A 397 -23.85 -35.98 -8.10
N PHE A 398 -23.58 -36.93 -9.00
CA PHE A 398 -24.66 -37.80 -9.48
C PHE A 398 -24.74 -39.16 -8.77
N SER A 399 -25.89 -39.41 -8.13
CA SER A 399 -26.22 -40.65 -7.41
C SER A 399 -26.11 -41.93 -8.28
N GLN A 400 -26.17 -43.11 -7.64
CA GLN A 400 -25.94 -44.38 -8.36
C GLN A 400 -26.78 -44.54 -9.63
N GLU A 401 -28.10 -44.71 -9.47
CA GLU A 401 -28.97 -44.96 -10.64
C GLU A 401 -28.87 -43.77 -11.61
N ASP A 402 -28.96 -42.55 -11.05
CA ASP A 402 -28.84 -41.28 -11.79
C ASP A 402 -27.67 -41.29 -12.82
N PHE A 403 -26.48 -41.69 -12.37
CA PHE A 403 -25.35 -41.84 -13.29
C PHE A 403 -25.66 -42.93 -14.36
N LEU A 404 -26.25 -44.04 -13.93
CA LEU A 404 -26.58 -45.12 -14.87
C LEU A 404 -27.65 -44.68 -15.88
N THR A 405 -28.69 -43.98 -15.41
CA THR A 405 -29.74 -43.48 -16.31
C THR A 405 -29.20 -42.30 -17.15
N SER A 406 -28.59 -41.29 -16.52
CA SER A 406 -28.14 -40.08 -17.23
C SER A 406 -26.89 -40.28 -18.12
N ILE A 407 -25.77 -40.68 -17.50
CA ILE A 407 -24.45 -40.61 -18.14
C ILE A 407 -23.99 -41.92 -18.80
N LEU A 408 -24.46 -43.05 -18.28
CA LEU A 408 -24.13 -44.35 -18.88
C LEU A 408 -24.41 -44.40 -20.41
N PRO A 409 -25.60 -43.93 -20.85
CA PRO A 409 -25.94 -43.88 -22.28
C PRO A 409 -24.92 -43.20 -23.20
N SER A 410 -24.23 -42.18 -22.66
CA SER A 410 -23.35 -41.31 -23.48
C SER A 410 -21.97 -41.90 -23.79
N LEU A 411 -21.65 -43.06 -23.19
CA LEU A 411 -20.33 -43.71 -23.33
C LEU A 411 -20.10 -44.34 -24.71
N THR A 412 -18.89 -44.88 -24.98
CA THR A 412 -18.44 -45.22 -26.33
C THR A 412 -17.13 -46.01 -26.30
N GLU A 413 -16.90 -46.82 -27.35
CA GLU A 413 -15.70 -47.66 -27.51
C GLU A 413 -14.40 -46.94 -27.12
N ILE A 414 -14.26 -45.70 -27.59
CA ILE A 414 -13.01 -44.92 -27.46
C ILE A 414 -12.76 -44.26 -26.10
N ASP A 415 -13.82 -44.05 -25.30
CA ASP A 415 -13.75 -43.35 -24.00
C ASP A 415 -12.85 -44.06 -22.97
N THR A 416 -12.57 -43.37 -21.86
CA THR A 416 -11.95 -43.97 -20.67
C THR A 416 -12.72 -43.60 -19.38
N VAL A 417 -12.80 -44.55 -18.45
CA VAL A 417 -13.51 -44.34 -17.19
C VAL A 417 -12.69 -44.85 -15.99
N VAL A 418 -12.40 -43.93 -15.08
CA VAL A 418 -11.52 -44.22 -13.97
C VAL A 418 -12.33 -44.25 -12.70
N PHE A 419 -12.18 -45.34 -11.96
CA PHE A 419 -12.92 -45.53 -10.73
C PHE A 419 -11.98 -45.40 -9.56
N ILE A 420 -12.44 -44.70 -8.52
CA ILE A 420 -11.58 -44.16 -7.47
C ILE A 420 -12.30 -44.26 -6.15
N PHE A 421 -11.80 -45.14 -5.30
CA PHE A 421 -12.53 -45.50 -4.09
C PHE A 421 -11.53 -46.17 -3.18
N THR A 422 -11.91 -46.34 -1.92
CA THR A 422 -11.22 -47.22 -1.00
C THR A 422 -11.99 -48.54 -0.89
N LEU A 423 -11.38 -49.51 -0.23
CA LEU A 423 -12.10 -50.74 0.12
C LEU A 423 -13.15 -50.47 1.18
N ASP A 424 -13.02 -49.39 1.92
CA ASP A 424 -14.06 -49.06 2.91
C ASP A 424 -15.30 -48.38 2.31
N ASP A 425 -15.44 -48.29 0.99
CA ASP A 425 -16.46 -47.37 0.44
C ASP A 425 -17.95 -47.81 0.29
N ASN A 426 -18.26 -49.09 0.16
CA ASN A 426 -19.60 -49.53 -0.35
C ASN A 426 -19.39 -49.99 -1.79
N LEU A 427 -18.73 -51.13 -1.88
CA LEU A 427 -18.29 -51.70 -3.14
C LEU A 427 -19.40 -52.39 -3.93
N THR A 428 -20.60 -52.51 -3.35
CA THR A 428 -21.80 -53.03 -4.05
C THR A 428 -22.38 -51.97 -4.97
N GLU A 429 -22.16 -50.71 -4.57
CA GLU A 429 -22.49 -49.56 -5.40
C GLU A 429 -21.47 -49.43 -6.53
N VAL A 430 -20.26 -49.93 -6.30
CA VAL A 430 -19.14 -49.81 -7.24
C VAL A 430 -19.22 -50.86 -8.34
N GLN A 431 -19.25 -52.12 -7.94
CA GLN A 431 -19.33 -53.25 -8.88
C GLN A 431 -20.45 -53.08 -9.90
N THR A 432 -21.61 -52.61 -9.44
CA THR A 432 -22.77 -52.33 -10.31
C THR A 432 -22.37 -51.41 -11.47
N ILE A 433 -21.81 -50.25 -11.09
CA ILE A 433 -21.60 -49.17 -12.03
C ILE A 433 -20.52 -49.61 -12.99
N VAL A 434 -19.58 -50.40 -12.51
CA VAL A 434 -18.51 -50.88 -13.37
C VAL A 434 -19.01 -52.01 -14.26
N GLU A 435 -19.80 -52.92 -13.69
CA GLU A 435 -20.45 -53.99 -14.46
C GLU A 435 -21.07 -53.36 -15.70
N GLN A 436 -21.93 -52.38 -15.44
CA GLN A 436 -22.68 -51.73 -16.51
C GLN A 436 -21.78 -50.98 -17.49
N VAL A 437 -20.93 -50.11 -16.95
CA VAL A 437 -19.96 -49.30 -17.73
C VAL A 437 -19.04 -50.18 -18.57
N LYS A 438 -18.66 -51.32 -18.02
CA LYS A 438 -17.78 -52.25 -18.72
C LYS A 438 -18.30 -52.41 -20.13
N GLU A 439 -19.57 -52.81 -20.22
CA GLU A 439 -20.20 -53.18 -21.49
C GLU A 439 -20.04 -52.12 -22.55
N LYS A 440 -20.43 -50.89 -22.20
CA LYS A 440 -20.33 -49.77 -23.15
C LYS A 440 -18.86 -49.32 -23.39
N THR A 441 -17.97 -49.43 -22.38
CA THR A 441 -16.58 -48.94 -22.56
C THR A 441 -15.47 -49.93 -22.93
N ASN A 442 -15.05 -50.75 -21.96
CA ASN A 442 -13.79 -51.53 -22.00
C ASN A 442 -12.44 -50.79 -21.57
N HIS A 443 -12.18 -49.56 -22.00
CA HIS A 443 -11.07 -48.81 -21.37
C HIS A 443 -11.50 -48.29 -20.00
N ILE A 444 -11.66 -49.19 -19.04
CA ILE A 444 -11.81 -48.76 -17.66
C ILE A 444 -10.48 -49.08 -16.99
N GLN A 445 -10.15 -48.40 -15.89
CA GLN A 445 -9.02 -48.75 -15.00
C GLN A 445 -9.50 -48.28 -13.61
N ALA A 446 -8.78 -48.59 -12.55
CA ALA A 446 -9.27 -48.17 -11.22
C ALA A 446 -8.17 -47.73 -10.27
N LEU A 447 -8.58 -47.00 -9.22
CA LEU A 447 -7.67 -46.47 -8.21
C LEU A 447 -8.30 -46.70 -6.85
N ALA A 448 -7.70 -47.65 -6.14
CA ALA A 448 -8.30 -48.19 -4.94
C ALA A 448 -7.29 -48.16 -3.82
N HIS A 449 -7.70 -47.56 -2.71
CA HIS A 449 -6.87 -47.44 -1.54
C HIS A 449 -7.34 -48.47 -0.50
N SER A 450 -6.40 -48.97 0.32
CA SER A 450 -6.67 -50.10 1.23
C SER A 450 -5.64 -50.24 2.33
N THR A 451 -6.09 -50.36 3.57
CA THR A 451 -5.22 -50.80 4.65
C THR A 451 -4.74 -52.23 4.33
N VAL A 452 -3.43 -52.50 4.47
CA VAL A 452 -2.81 -53.85 4.20
C VAL A 452 -3.64 -55.07 4.67
N GLY A 453 -3.83 -56.06 3.80
CA GLY A 453 -4.65 -57.24 4.13
C GLY A 453 -6.15 -56.99 4.21
N GLN A 454 -6.62 -56.00 3.46
CA GLN A 454 -7.98 -55.97 2.96
C GLN A 454 -7.88 -56.67 1.59
N THR A 455 -8.96 -57.35 1.19
CA THR A 455 -8.97 -58.03 -0.11
C THR A 455 -10.08 -57.45 -0.95
N LEU A 456 -9.91 -57.64 -2.25
CA LEU A 456 -10.78 -57.02 -3.20
C LEU A 456 -11.89 -58.03 -3.54
N PRO A 457 -13.10 -57.87 -2.94
CA PRO A 457 -14.23 -58.78 -3.21
C PRO A 457 -14.45 -59.00 -4.71
N ILE A 458 -15.02 -60.16 -5.06
CA ILE A 458 -15.00 -60.68 -6.44
C ILE A 458 -13.50 -60.93 -6.78
N PRO A 459 -13.02 -62.19 -6.65
CA PRO A 459 -11.66 -62.55 -7.19
C PRO A 459 -11.58 -62.41 -8.73
N LEU A 460 -12.77 -62.44 -9.35
CA LEU A 460 -12.99 -61.96 -10.72
C LEU A 460 -13.08 -60.42 -10.82
N LYS A 461 -12.80 -59.70 -9.73
CA LYS A 461 -12.77 -58.24 -9.79
C LYS A 461 -11.66 -57.95 -10.73
N LYS A 462 -11.97 -58.27 -11.98
CA LYS A 462 -11.12 -58.18 -13.13
C LYS A 462 -12.10 -58.45 -14.26
N LEU A 463 -13.11 -57.59 -14.55
CA LEU A 463 -13.27 -56.15 -14.21
C LEU A 463 -11.97 -55.32 -14.30
N PHE A 464 -11.23 -55.21 -13.19
CA PHE A 464 -9.90 -54.57 -13.20
C PHE A 464 -8.74 -55.57 -13.09
N PRO A 465 -8.34 -56.21 -14.22
CA PRO A 465 -7.14 -57.07 -14.14
C PRO A 465 -6.00 -56.39 -13.37
N SER A 466 -5.51 -55.27 -13.89
CA SER A 466 -4.28 -54.63 -13.38
C SER A 466 -4.58 -53.32 -12.65
N ILE A 467 -5.57 -53.35 -11.77
CA ILE A 467 -5.80 -52.29 -10.81
C ILE A 467 -4.55 -51.52 -10.39
N ILE A 468 -4.81 -50.30 -9.92
CA ILE A 468 -3.85 -49.51 -9.18
C ILE A 468 -4.28 -49.64 -7.73
N SER A 469 -3.79 -50.71 -7.08
CA SER A 469 -4.09 -50.90 -5.68
C SER A 469 -3.04 -50.08 -5.00
N ILE A 470 -3.50 -49.19 -4.11
CA ILE A 470 -2.60 -48.50 -3.21
C ILE A 470 -2.91 -48.95 -1.80
N THR A 471 -1.97 -49.75 -1.30
CA THR A 471 -2.11 -50.37 -0.01
C THR A 471 -1.24 -49.61 1.00
N TRP A 472 -1.88 -49.14 2.06
CA TRP A 472 -1.31 -48.33 3.12
C TRP A 472 -0.91 -49.15 4.38
N PRO A 473 0.35 -49.02 4.86
CA PRO A 473 0.71 -49.54 6.16
C PRO A 473 -0.35 -49.34 7.22
N LEU A 474 -0.16 -49.98 8.37
CA LEU A 474 -0.96 -49.72 9.54
C LEU A 474 -0.33 -48.56 10.33
N LEU A 475 -1.02 -47.43 10.41
CA LEU A 475 -0.53 -46.29 11.20
C LEU A 475 -1.41 -46.20 12.43
N PHE A 476 -0.87 -45.66 13.52
CA PHE A 476 -1.63 -45.51 14.79
C PHE A 476 -2.32 -44.15 14.82
N PHE A 477 -3.64 -44.16 14.82
CA PHE A 477 -4.45 -42.93 14.80
C PHE A 477 -5.32 -42.96 16.04
N GLU A 478 -5.59 -41.82 16.65
CA GLU A 478 -6.58 -41.85 17.73
C GLU A 478 -7.92 -41.24 17.29
N TYR A 479 -7.91 -40.17 16.49
CA TYR A 479 -9.19 -39.57 16.10
C TYR A 479 -10.05 -40.50 15.27
N GLU A 480 -11.36 -40.26 15.38
CA GLU A 480 -12.38 -41.28 15.12
C GLU A 480 -12.50 -41.60 13.62
N GLY A 481 -12.52 -40.57 12.76
CA GLY A 481 -12.53 -40.78 11.28
C GLY A 481 -11.19 -41.16 10.65
N ASN A 482 -10.16 -41.41 11.48
CA ASN A 482 -8.76 -41.71 11.04
C ASN A 482 -8.24 -40.69 9.98
N PHE A 483 -8.07 -39.45 10.44
CA PHE A 483 -7.92 -38.35 9.52
C PHE A 483 -6.63 -38.41 8.72
N ILE A 484 -5.57 -38.95 9.31
CA ILE A 484 -4.29 -39.08 8.62
C ILE A 484 -4.40 -40.07 7.47
N GLN A 485 -5.28 -41.04 7.60
CA GLN A 485 -5.54 -41.95 6.48
C GLN A 485 -6.28 -41.23 5.38
N LYS A 486 -7.19 -40.33 5.75
CA LYS A 486 -7.93 -39.56 4.72
C LYS A 486 -6.92 -38.71 3.95
N PHE A 487 -6.21 -37.86 4.69
CA PHE A 487 -5.19 -36.96 4.12
C PHE A 487 -4.22 -37.67 3.22
N GLN A 488 -3.66 -38.77 3.69
CA GLN A 488 -2.80 -39.67 2.86
C GLN A 488 -3.38 -39.98 1.53
N ARG A 489 -4.65 -40.35 1.57
CA ARG A 489 -5.30 -40.90 0.37
C ARG A 489 -5.71 -39.83 -0.66
N GLU A 490 -6.37 -38.80 -0.15
CA GLU A 490 -6.55 -37.52 -0.87
C GLU A 490 -5.29 -37.12 -1.62
N LEU A 491 -4.22 -36.88 -0.88
CA LEU A 491 -2.98 -36.41 -1.53
C LEU A 491 -2.52 -37.38 -2.64
N SER A 492 -2.60 -38.66 -2.34
CA SER A 492 -2.10 -39.68 -3.25
C SER A 492 -2.97 -39.70 -4.52
N THR A 493 -4.28 -39.54 -4.32
CA THR A 493 -5.20 -39.48 -5.47
C THR A 493 -4.90 -38.20 -6.29
N LYS A 494 -4.78 -37.07 -5.56
CA LYS A 494 -4.35 -35.80 -6.20
C LYS A 494 -3.11 -35.96 -7.04
N TRP A 495 -2.06 -36.52 -6.45
CA TRP A 495 -0.87 -36.77 -7.25
C TRP A 495 -1.20 -37.61 -8.48
N VAL A 496 -2.05 -38.63 -8.33
CA VAL A 496 -2.28 -39.53 -9.47
C VAL A 496 -3.03 -38.81 -10.58
N LEU A 497 -4.14 -38.23 -10.24
CA LEU A 497 -4.92 -37.56 -11.28
C LEU A 497 -4.18 -36.38 -11.91
N ASN A 498 -3.51 -35.53 -11.09
CA ASN A 498 -2.72 -34.41 -11.65
C ASN A 498 -1.72 -34.89 -12.68
N THR A 499 -1.00 -35.97 -12.36
CA THR A 499 0.06 -36.49 -13.23
C THR A 499 -0.56 -37.09 -14.48
N VAL A 500 -1.69 -37.74 -14.30
CA VAL A 500 -2.40 -38.33 -15.43
C VAL A 500 -2.95 -37.24 -16.35
N SER A 501 -3.84 -36.39 -15.81
CA SER A 501 -4.48 -35.34 -16.61
C SER A 501 -3.44 -34.54 -17.33
N THR A 502 -2.37 -34.19 -16.60
CA THR A 502 -1.35 -33.29 -17.17
C THR A 502 -0.56 -33.96 -18.21
N GLY A 503 -0.18 -35.20 -17.91
CA GLY A 503 0.62 -35.99 -18.84
C GLY A 503 -0.14 -36.29 -20.12
N ALA A 504 -1.40 -36.67 -19.99
CA ALA A 504 -2.22 -36.98 -21.19
C ALA A 504 -2.18 -35.81 -22.17
N HIS A 505 -2.20 -34.56 -21.67
CA HIS A 505 -2.16 -33.40 -22.58
C HIS A 505 -0.79 -33.09 -23.16
N VAL A 506 0.27 -33.37 -22.41
CA VAL A 506 1.60 -33.13 -22.92
C VAL A 506 1.77 -34.05 -24.14
N LEU A 507 1.38 -35.31 -23.95
CA LEU A 507 1.45 -36.33 -24.98
C LEU A 507 0.82 -35.87 -26.30
N LEU A 508 -0.33 -35.20 -26.22
CA LEU A 508 -0.98 -34.63 -27.42
C LEU A 508 -0.25 -33.44 -28.06
N GLY A 509 0.98 -33.13 -27.65
CA GLY A 509 1.81 -32.05 -28.26
C GLY A 509 1.42 -30.62 -27.86
N LYS A 510 0.53 -30.52 -26.86
CA LYS A 510 -0.10 -29.26 -26.49
C LYS A 510 0.72 -28.37 -25.57
N ILE A 511 1.88 -28.84 -25.15
CA ILE A 511 2.77 -28.09 -24.24
C ILE A 511 4.03 -27.84 -25.04
N LEU A 512 4.67 -26.70 -24.77
CA LEU A 512 5.89 -26.30 -25.46
C LEU A 512 7.06 -26.29 -24.46
N GLN A 513 8.06 -27.14 -24.72
CA GLN A 513 9.09 -27.46 -23.75
C GLN A 513 8.38 -27.85 -22.43
N ASN A 514 8.47 -27.03 -21.39
CA ASN A 514 7.62 -27.18 -20.19
C ASN A 514 6.72 -25.97 -19.90
N HIS A 515 6.21 -25.37 -20.96
CA HIS A 515 5.37 -24.16 -20.89
C HIS A 515 4.06 -24.41 -21.66
N MET A 516 2.94 -23.88 -21.14
CA MET A 516 1.68 -23.84 -21.86
C MET A 516 1.57 -22.45 -22.48
N LEU A 517 2.09 -22.34 -23.69
CA LEU A 517 2.07 -21.10 -24.47
C LEU A 517 0.66 -20.58 -24.76
N ASP A 518 -0.20 -21.45 -25.24
CA ASP A 518 -1.47 -21.07 -25.80
C ASP A 518 -2.52 -21.13 -24.71
N LEU A 519 -2.34 -20.32 -23.69
CA LEU A 519 -3.31 -20.26 -22.61
C LEU A 519 -4.31 -19.19 -22.88
N ARG A 520 -5.36 -19.18 -22.09
CA ARG A 520 -6.40 -18.18 -22.18
C ARG A 520 -6.14 -17.13 -21.14
N ILE A 521 -5.97 -15.88 -21.55
CA ILE A 521 -5.68 -14.80 -20.55
C ILE A 521 -6.95 -14.45 -19.81
N SER A 522 -7.12 -14.94 -18.58
CA SER A 522 -8.38 -14.69 -17.86
C SER A 522 -8.21 -13.95 -16.53
N ASN A 523 -6.96 -13.64 -16.23
CA ASN A 523 -6.67 -12.77 -15.10
C ASN A 523 -5.33 -12.09 -15.36
N SER A 524 -4.94 -11.21 -14.46
CA SER A 524 -3.73 -10.39 -14.64
C SER A 524 -2.43 -11.19 -14.62
N LYS A 525 -2.33 -12.08 -13.63
CA LYS A 525 -1.18 -13.01 -13.61
C LYS A 525 -0.93 -13.77 -14.92
N LEU A 526 -2.00 -14.17 -15.58
CA LEU A 526 -1.92 -14.93 -16.80
C LEU A 526 -1.52 -13.96 -17.92
N PHE A 527 -1.98 -12.72 -17.82
CA PHE A 527 -1.58 -11.70 -18.76
C PHE A 527 -0.05 -11.51 -18.61
N TRP A 528 0.43 -11.44 -17.38
CA TRP A 528 1.87 -11.29 -17.21
C TRP A 528 2.64 -12.51 -17.69
N ARG A 529 2.11 -13.71 -17.40
CA ARG A 529 2.76 -14.94 -17.83
C ARG A 529 2.84 -14.99 -19.36
N ALA A 530 1.79 -14.57 -20.04
CA ALA A 530 1.85 -14.50 -21.51
C ALA A 530 2.96 -13.61 -21.97
N LEU A 531 2.98 -12.37 -21.47
CA LEU A 531 4.01 -11.40 -21.89
C LEU A 531 5.42 -11.98 -21.67
N ALA A 532 5.63 -12.62 -20.53
CA ALA A 532 6.90 -13.29 -20.25
C ALA A 532 7.24 -14.35 -21.27
N MET A 533 6.25 -15.14 -21.68
CA MET A 533 6.51 -16.18 -22.65
C MET A 533 6.84 -15.56 -24.01
N LEU A 534 6.16 -14.48 -24.37
CA LEU A 534 6.54 -13.79 -25.61
C LEU A 534 7.99 -13.31 -25.55
N GLN A 535 8.41 -12.71 -24.44
CA GLN A 535 9.84 -12.30 -24.34
C GLN A 535 10.78 -13.48 -24.47
N ARG A 536 10.48 -14.55 -23.73
CA ARG A 536 11.34 -15.72 -23.61
C ARG A 536 11.52 -16.40 -24.98
N PHE A 537 10.42 -16.71 -25.65
CA PHE A 537 10.44 -17.39 -26.94
C PHE A 537 10.83 -16.54 -28.14
N SER A 538 10.67 -15.22 -28.10
CA SER A 538 11.06 -14.36 -29.24
C SER A 538 12.46 -13.76 -29.05
N GLY A 539 12.79 -13.47 -27.80
CA GLY A 539 14.07 -12.84 -27.48
C GLY A 539 14.07 -11.36 -27.80
N GLN A 540 12.90 -10.81 -28.10
CA GLN A 540 12.76 -9.44 -28.56
C GLN A 540 12.29 -8.60 -27.38
N SER A 541 12.32 -7.28 -27.58
CA SER A 541 12.25 -6.37 -26.46
C SER A 541 10.85 -6.39 -25.83
N LYS A 542 10.79 -5.84 -24.64
CA LYS A 542 9.56 -5.79 -23.90
C LYS A 542 8.52 -4.91 -24.57
N ALA A 543 8.96 -3.85 -25.24
CA ALA A 543 8.02 -2.99 -25.96
C ALA A 543 7.45 -3.68 -27.20
N ARG A 544 8.29 -4.45 -27.88
CA ARG A 544 7.79 -5.18 -29.03
C ARG A 544 6.77 -6.23 -28.55
N CYS A 545 7.14 -6.96 -27.51
CA CYS A 545 6.30 -8.04 -27.04
C CYS A 545 4.99 -7.47 -26.57
N ILE A 546 5.03 -6.37 -25.81
CA ILE A 546 3.79 -5.77 -25.27
C ILE A 546 2.92 -5.31 -26.41
N GLU A 547 3.53 -4.68 -27.39
CA GLU A 547 2.80 -4.21 -28.57
C GLU A 547 2.17 -5.34 -29.37
N SER A 548 2.92 -6.40 -29.62
CA SER A 548 2.35 -7.48 -30.37
C SER A 548 1.14 -8.10 -29.60
N LEU A 549 1.32 -8.28 -28.29
CA LEU A 549 0.27 -8.82 -27.43
C LEU A 549 -0.98 -7.96 -27.40
N LEU A 550 -0.80 -6.67 -27.16
CA LEU A 550 -1.97 -5.80 -27.16
C LEU A 550 -2.64 -5.71 -28.53
N ARG A 551 -1.87 -5.82 -29.60
CA ARG A 551 -2.48 -5.83 -30.94
C ARG A 551 -3.31 -7.12 -31.19
N ALA A 552 -2.73 -8.26 -30.80
CA ALA A 552 -3.42 -9.56 -30.87
C ALA A 552 -4.72 -9.58 -30.05
N ILE A 553 -4.62 -9.13 -28.81
CA ILE A 553 -5.81 -8.97 -27.97
C ILE A 553 -6.88 -8.08 -28.60
N HIS A 554 -6.53 -6.87 -29.00
CA HIS A 554 -7.57 -5.92 -29.37
C HIS A 554 -7.89 -5.84 -30.86
N PHE A 555 -7.14 -6.56 -31.67
CA PHE A 555 -7.49 -6.69 -33.11
C PHE A 555 -8.95 -6.95 -33.22
N PRO A 556 -9.65 -6.29 -34.16
CA PRO A 556 -9.20 -5.40 -35.22
C PRO A 556 -8.97 -3.89 -34.87
N GLN A 557 -9.18 -3.49 -33.61
CA GLN A 557 -8.82 -2.14 -33.20
C GLN A 557 -7.27 -2.01 -33.19
N PRO A 558 -6.72 -0.89 -33.73
CA PRO A 558 -5.31 -0.54 -33.53
C PRO A 558 -5.03 -0.05 -32.15
N LEU A 559 -3.75 0.00 -31.83
CA LEU A 559 -3.26 0.56 -30.60
C LEU A 559 -3.45 2.07 -30.45
N SER A 560 -4.51 2.50 -29.79
CA SER A 560 -4.61 3.90 -29.34
C SER A 560 -3.79 4.09 -28.09
N ASP A 561 -3.54 5.34 -27.73
CA ASP A 561 -2.97 5.66 -26.43
C ASP A 561 -3.85 5.17 -25.25
N ASP A 562 -5.17 5.15 -25.40
CA ASP A 562 -6.07 4.75 -24.29
C ASP A 562 -5.81 3.27 -23.98
N ILE A 563 -5.80 2.47 -25.05
CA ILE A 563 -5.57 1.07 -24.95
C ILE A 563 -4.22 0.86 -24.35
N ARG A 564 -3.18 1.61 -24.75
CA ARG A 564 -1.87 1.31 -24.19
C ARG A 564 -1.86 1.53 -22.68
N ALA A 565 -2.68 2.49 -22.28
CA ALA A 565 -2.70 3.04 -20.95
C ALA A 565 -3.71 2.32 -20.12
N ALA A 566 -4.57 1.53 -20.74
CA ALA A 566 -5.66 0.88 -20.02
C ALA A 566 -5.14 -0.03 -18.88
N PRO A 567 -5.93 -0.18 -17.79
CA PRO A 567 -5.62 -1.17 -16.76
C PRO A 567 -5.62 -2.60 -17.29
N ILE A 568 -4.83 -3.45 -16.65
CA ILE A 568 -4.66 -4.78 -17.17
C ILE A 568 -6.02 -5.50 -17.30
N SER A 569 -6.97 -5.18 -16.43
CA SER A 569 -8.30 -5.82 -16.54
C SER A 569 -9.00 -5.62 -17.87
N CYS A 570 -8.80 -4.45 -18.48
CA CYS A 570 -9.38 -4.20 -19.79
C CYS A 570 -8.81 -5.20 -20.81
N HIS A 571 -7.52 -5.45 -20.74
CA HIS A 571 -6.93 -6.40 -21.65
C HIS A 571 -7.47 -7.80 -21.40
N VAL A 572 -7.43 -8.22 -20.13
CA VAL A 572 -7.94 -9.52 -19.71
C VAL A 572 -9.40 -9.75 -20.20
N GLN A 573 -10.28 -8.83 -19.88
CA GLN A 573 -11.67 -8.98 -20.26
C GLN A 573 -11.86 -9.28 -21.75
N VAL A 574 -11.03 -8.65 -22.59
CA VAL A 574 -11.10 -8.81 -24.03
C VAL A 574 -10.38 -10.06 -24.54
N ALA A 575 -9.14 -10.28 -24.12
CA ALA A 575 -8.43 -11.58 -24.42
C ALA A 575 -9.18 -12.80 -23.91
N HIS A 576 -9.82 -12.68 -22.76
CA HIS A 576 -10.49 -13.80 -22.18
C HIS A 576 -11.45 -14.47 -23.15
N GLU A 577 -12.01 -13.67 -24.06
CA GLU A 577 -12.99 -14.13 -25.06
C GLU A 577 -12.37 -14.66 -26.34
N LYS A 578 -11.06 -14.63 -26.54
CA LYS A 578 -10.56 -15.02 -27.86
C LYS A 578 -9.72 -16.26 -27.77
N GLU A 579 -9.32 -16.76 -28.95
CA GLU A 579 -8.52 -18.00 -29.14
C GLU A 579 -7.15 -17.69 -29.68
N GLN A 580 -6.18 -18.52 -29.37
CA GLN A 580 -4.85 -18.41 -29.99
C GLN A 580 -4.21 -17.02 -29.91
N VAL A 581 -4.64 -16.20 -28.97
CA VAL A 581 -4.08 -14.88 -28.75
C VAL A 581 -2.57 -14.96 -28.68
N ILE A 582 -2.05 -15.76 -27.75
CA ILE A 582 -0.61 -15.77 -27.58
C ILE A 582 0.15 -16.30 -28.79
N PRO A 583 -0.28 -17.41 -29.34
CA PRO A 583 0.44 -17.87 -30.54
C PRO A 583 0.43 -16.83 -31.71
N ILE A 584 -0.67 -16.13 -31.91
CA ILE A 584 -0.71 -15.07 -32.94
C ILE A 584 0.28 -13.96 -32.65
N ALA A 585 0.33 -13.54 -31.38
CA ALA A 585 1.27 -12.52 -30.96
C ALA A 585 2.71 -12.96 -31.24
N LEU A 586 3.02 -14.21 -30.97
CA LEU A 586 4.37 -14.65 -31.15
C LEU A 586 4.71 -14.71 -32.62
N LEU A 587 3.76 -15.16 -33.43
CA LEU A 587 4.05 -15.31 -34.85
C LEU A 587 4.29 -13.90 -35.42
N SER A 588 3.41 -12.96 -35.08
CA SER A 588 3.61 -11.59 -35.53
C SER A 588 5.04 -11.15 -35.30
N LEU A 589 5.54 -11.39 -34.09
CA LEU A 589 6.86 -11.00 -33.69
C LEU A 589 7.94 -11.78 -34.40
N LEU A 590 7.79 -13.09 -34.50
CA LEU A 590 8.86 -13.88 -35.14
C LEU A 590 8.94 -13.57 -36.62
N PHE A 591 7.80 -13.41 -37.28
CA PHE A 591 7.79 -13.15 -38.73
C PHE A 591 7.97 -11.65 -39.02
N ARG A 592 8.13 -10.87 -37.95
CA ARG A 592 8.06 -9.41 -37.96
C ARG A 592 6.98 -8.88 -38.83
N CYS A 593 5.77 -9.43 -38.68
CA CYS A 593 4.64 -9.10 -39.57
C CYS A 593 3.46 -8.57 -38.78
N SER A 594 2.37 -8.19 -39.46
CA SER A 594 1.15 -7.68 -38.83
C SER A 594 0.28 -8.79 -38.23
N ILE A 595 -0.77 -8.41 -37.49
CA ILE A 595 -1.70 -9.39 -36.93
C ILE A 595 -2.50 -10.00 -38.10
N THR A 596 -2.81 -9.18 -39.11
CA THR A 596 -3.51 -9.67 -40.29
C THR A 596 -2.68 -10.76 -40.98
N GLU A 597 -1.36 -10.55 -41.09
CA GLU A 597 -0.51 -11.52 -41.78
C GLU A 597 -0.32 -12.80 -40.94
N ALA A 598 -0.23 -12.63 -39.63
CA ALA A 598 0.03 -13.73 -38.71
C ALA A 598 -1.17 -14.65 -38.55
N GLN A 599 -2.37 -14.10 -38.46
CA GLN A 599 -3.61 -14.87 -38.47
C GLN A 599 -3.75 -15.71 -39.74
N ALA A 600 -3.54 -15.09 -40.89
CA ALA A 600 -3.69 -15.77 -42.15
C ALA A 600 -2.68 -16.90 -42.25
N HIS A 601 -1.50 -16.73 -41.67
CA HIS A 601 -0.49 -17.76 -41.69
C HIS A 601 -0.90 -18.92 -40.82
N LEU A 602 -1.51 -18.61 -39.69
CA LEU A 602 -1.97 -19.64 -38.82
C LEU A 602 -3.04 -20.50 -39.50
N ALA A 603 -4.13 -19.87 -39.93
CA ALA A 603 -5.19 -20.56 -40.65
C ALA A 603 -4.69 -21.32 -41.88
N ALA A 604 -3.45 -21.14 -42.30
CA ALA A 604 -2.91 -21.86 -43.43
C ALA A 604 -1.88 -22.90 -42.95
N ALA A 605 -1.82 -23.10 -41.64
CA ALA A 605 -0.97 -24.12 -41.11
C ALA A 605 -1.87 -25.31 -40.71
N PRO A 606 -1.34 -26.53 -40.80
CA PRO A 606 -2.00 -27.71 -40.25
C PRO A 606 -2.51 -27.51 -38.84
N SER A 607 -1.68 -27.02 -37.93
CA SER A 607 -2.12 -26.83 -36.54
C SER A 607 -1.38 -25.70 -35.82
N VAL A 608 -2.03 -25.17 -34.78
CA VAL A 608 -1.42 -24.14 -33.94
C VAL A 608 0.01 -24.55 -33.57
N CYS A 609 0.17 -25.76 -33.02
CA CYS A 609 1.47 -26.26 -32.55
C CYS A 609 2.54 -26.35 -33.64
N GLU A 610 2.13 -26.72 -34.85
CA GLU A 610 3.08 -26.87 -35.96
C GLU A 610 3.44 -25.49 -36.44
N ALA A 611 2.44 -24.62 -36.52
CA ALA A 611 2.68 -23.21 -36.89
C ALA A 611 3.75 -22.62 -35.97
N VAL A 612 3.50 -22.66 -34.67
CA VAL A 612 4.42 -22.09 -33.69
C VAL A 612 5.77 -22.80 -33.72
N ARG A 613 5.77 -24.11 -33.54
CA ARG A 613 7.04 -24.84 -33.44
C ARG A 613 7.97 -24.69 -34.67
N SER A 614 7.38 -24.65 -35.85
CA SER A 614 8.13 -24.48 -37.08
C SER A 614 8.51 -23.03 -37.30
N ALA A 615 7.69 -22.08 -36.83
CA ALA A 615 8.12 -20.65 -36.86
C ALA A 615 9.31 -20.41 -35.91
N LEU A 616 9.26 -21.08 -34.78
CA LEU A 616 10.38 -21.03 -33.87
C LEU A 616 11.65 -21.69 -34.41
N ALA A 617 11.58 -22.41 -35.53
CA ALA A 617 12.67 -23.32 -35.92
C ALA A 617 13.78 -22.76 -36.83
N MET B 12 22.12 -7.03 5.56
CA MET B 12 22.54 -6.38 6.84
C MET B 12 21.27 -5.88 7.53
N PRO B 13 21.31 -5.69 8.88
CA PRO B 13 20.17 -5.08 9.57
C PRO B 13 20.16 -3.53 9.44
N GLY B 14 18.97 -2.96 9.35
CA GLY B 14 18.80 -1.57 8.95
C GLY B 14 18.56 -1.46 7.46
N THR B 15 18.97 -2.46 6.69
CA THR B 15 18.80 -2.34 5.23
C THR B 15 17.34 -2.06 4.82
N LYS B 16 16.37 -2.79 5.38
CA LYS B 16 14.97 -2.51 5.09
C LYS B 16 14.55 -1.06 5.39
N ARG B 17 15.13 -0.44 6.40
CA ARG B 17 14.62 0.85 6.85
C ARG B 17 15.29 1.95 6.06
N PHE B 18 16.42 1.66 5.42
CA PHE B 18 17.26 2.70 4.80
C PHE B 18 17.50 2.50 3.31
N GLN B 19 16.91 1.45 2.74
CA GLN B 19 17.06 1.10 1.30
C GLN B 19 16.75 2.28 0.43
N HIS B 20 15.58 2.87 0.67
CA HIS B 20 15.08 3.97 -0.15
C HIS B 20 15.97 5.23 -0.19
N VAL B 21 16.75 5.50 0.86
CA VAL B 21 17.55 6.72 0.97
C VAL B 21 18.55 6.73 -0.16
N ILE B 22 18.65 7.87 -0.83
CA ILE B 22 19.55 8.03 -1.94
C ILE B 22 20.94 8.39 -1.47
N GLU B 23 21.91 7.67 -2.05
CA GLU B 23 23.31 7.78 -1.69
C GLU B 23 23.79 9.20 -1.84
N THR B 24 24.74 9.60 -0.98
CA THR B 24 25.34 10.87 -1.06
C THR B 24 26.14 10.96 -2.35
N PRO B 25 25.85 11.93 -3.22
CA PRO B 25 26.63 12.20 -4.41
C PRO B 25 28.04 12.60 -4.08
N GLU B 26 28.86 12.82 -5.09
CA GLU B 26 30.22 13.26 -4.85
C GLU B 26 30.34 14.66 -5.33
N PRO B 27 31.36 15.36 -4.80
CA PRO B 27 31.41 16.81 -5.05
C PRO B 27 31.30 17.04 -6.54
N GLY B 28 30.48 18.00 -6.95
CA GLY B 28 30.30 18.30 -8.35
C GLY B 28 29.19 17.50 -8.95
N LYS B 29 28.80 16.41 -8.32
CA LYS B 29 27.82 15.53 -8.94
C LYS B 29 26.43 15.57 -8.30
N TRP B 30 26.11 16.55 -7.46
CA TRP B 30 24.79 16.54 -6.82
C TRP B 30 23.71 16.63 -7.90
N GLU B 31 23.92 17.53 -8.86
CA GLU B 31 23.03 17.65 -10.02
C GLU B 31 23.09 16.45 -10.96
N LEU B 32 24.32 16.11 -11.35
CA LEU B 32 24.58 15.11 -12.39
C LEU B 32 24.11 13.72 -11.97
N SER B 33 24.31 13.38 -10.70
CA SER B 33 23.82 12.13 -10.15
C SER B 33 22.31 12.04 -10.18
N GLY B 34 21.59 13.13 -10.42
CA GLY B 34 20.13 13.09 -10.31
C GLY B 34 19.61 13.17 -8.86
N TYR B 35 20.48 13.44 -7.88
CA TYR B 35 20.03 13.57 -6.48
C TYR B 35 19.03 14.72 -6.34
N GLU B 36 19.42 15.92 -6.84
CA GLU B 36 18.54 17.13 -6.77
C GLU B 36 17.19 16.93 -7.35
N ALA B 37 17.14 16.27 -8.51
CA ALA B 37 15.85 16.07 -9.22
C ALA B 37 14.94 15.26 -8.33
N ALA B 38 15.50 14.34 -7.56
CA ALA B 38 14.74 13.53 -6.62
C ALA B 38 14.38 14.24 -5.26
N VAL B 39 14.92 15.43 -5.00
CA VAL B 39 14.57 16.09 -3.76
C VAL B 39 13.22 16.74 -4.00
N PRO B 40 12.25 16.48 -3.10
CA PRO B 40 10.90 17.07 -3.33
C PRO B 40 10.90 18.61 -3.30
N ILE B 41 10.02 19.26 -4.07
CA ILE B 41 10.07 20.76 -4.10
C ILE B 41 9.98 21.30 -2.66
N THR B 42 9.10 20.67 -1.87
CA THR B 42 8.79 21.19 -0.56
C THR B 42 9.95 21.03 0.33
N GLU B 43 10.91 20.15 -0.01
CA GLU B 43 12.15 20.05 0.81
C GLU B 43 13.32 20.78 0.24
N LYS B 44 13.28 21.15 -1.02
CA LYS B 44 14.46 21.81 -1.61
C LYS B 44 14.86 23.07 -0.88
N SER B 45 16.16 23.35 -0.93
CA SER B 45 16.73 24.68 -0.74
C SER B 45 16.24 25.63 -1.81
N ASN B 46 15.87 26.84 -1.40
CA ASN B 46 15.43 27.86 -2.35
C ASN B 46 16.63 28.67 -2.82
N PRO B 47 16.95 28.61 -4.10
CA PRO B 47 18.16 29.36 -4.54
C PRO B 47 18.14 30.84 -4.13
N LEU B 48 16.95 31.44 -4.05
CA LEU B 48 16.83 32.81 -3.56
C LEU B 48 17.42 32.99 -2.16
N THR B 49 17.39 31.97 -1.31
CA THR B 49 17.71 32.17 0.09
C THR B 49 19.00 31.51 0.55
N GLN B 50 19.78 31.00 -0.38
CA GLN B 50 21.11 30.43 -0.09
C GLN B 50 21.96 31.18 0.94
N ASP B 51 21.93 32.49 0.91
CA ASP B 51 22.76 33.28 1.82
C ASP B 51 21.87 34.05 2.80
N LEU B 52 20.77 33.43 3.21
CA LEU B 52 19.86 34.09 4.08
C LEU B 52 20.48 34.38 5.44
N ASP B 53 21.44 33.55 5.86
CA ASP B 53 22.13 33.71 7.10
C ASP B 53 23.15 34.86 7.07
N LYS B 54 23.34 35.48 5.90
CA LYS B 54 24.12 36.71 5.75
C LYS B 54 23.29 37.97 5.53
N ALA B 55 21.99 37.84 5.33
CA ALA B 55 21.15 38.96 4.98
C ALA B 55 20.75 39.79 6.23
N ASP B 56 20.67 41.10 6.06
CA ASP B 56 20.11 41.98 7.09
C ASP B 56 18.58 41.93 7.02
N ALA B 57 17.93 42.56 8.00
CA ALA B 57 16.48 42.48 8.12
C ALA B 57 15.79 42.84 6.84
N GLU B 58 16.21 43.96 6.24
CA GLU B 58 15.45 44.51 5.12
C GLU B 58 15.59 43.55 3.94
N ASN B 59 16.77 42.99 3.75
CA ASN B 59 16.97 41.91 2.80
C ASN B 59 16.23 40.60 3.10
N ILE B 60 16.14 40.24 4.37
CA ILE B 60 15.33 39.07 4.76
C ILE B 60 13.88 39.22 4.34
N VAL B 61 13.29 40.37 4.61
CA VAL B 61 11.89 40.67 4.19
C VAL B 61 11.70 40.63 2.63
N ARG B 62 12.69 41.15 1.92
CA ARG B 62 12.66 41.17 0.49
C ARG B 62 12.67 39.69 0.00
N LEU B 63 13.62 38.90 0.48
CA LEU B 63 13.80 37.55 -0.02
C LEU B 63 12.53 36.71 0.20
N LEU B 64 12.03 36.73 1.42
CA LEU B 64 10.86 35.93 1.74
C LEU B 64 9.69 36.44 1.00
N GLY B 65 9.64 37.77 0.85
CA GLY B 65 8.64 38.38 0.02
C GLY B 65 8.65 37.76 -1.36
N GLN B 66 9.82 37.66 -1.97
CA GLN B 66 9.94 36.98 -3.25
C GLN B 66 9.55 35.50 -3.15
N CYS B 67 9.98 34.80 -2.08
CA CYS B 67 9.59 33.37 -1.92
C CYS B 67 8.07 33.23 -1.96
N ASP B 68 7.36 34.08 -1.23
CA ASP B 68 5.87 34.07 -1.22
C ASP B 68 5.24 34.37 -2.59
N ALA B 69 5.87 35.30 -3.33
CA ALA B 69 5.40 35.66 -4.68
C ALA B 69 5.35 34.44 -5.58
N GLU B 70 6.25 33.47 -5.33
CA GLU B 70 6.35 32.23 -6.14
C GLU B 70 5.04 31.46 -6.19
N ILE B 71 4.26 31.56 -5.13
CA ILE B 71 2.94 30.95 -5.11
C ILE B 71 2.11 31.32 -6.33
N PHE B 72 2.18 32.58 -6.77
CA PHE B 72 1.30 33.09 -7.88
C PHE B 72 2.02 33.19 -9.23
N GLN B 73 3.27 32.78 -9.24
CA GLN B 73 4.05 32.71 -10.45
C GLN B 73 3.49 31.70 -11.48
N GLU B 74 3.42 32.10 -12.75
CA GLU B 74 2.80 31.26 -13.79
C GLU B 74 3.79 30.21 -14.31
N GLU B 75 3.25 29.10 -14.80
CA GLU B 75 4.05 27.98 -15.32
C GLU B 75 4.91 28.46 -16.47
N GLY B 76 6.12 27.90 -16.60
CA GLY B 76 7.04 28.27 -17.68
C GLY B 76 6.94 27.33 -18.87
N GLN B 77 8.11 27.00 -19.46
CA GLN B 77 8.24 26.13 -20.64
C GLN B 77 9.65 25.53 -20.69
N SER B 80 9.21 19.86 -19.06
CA SER B 80 10.27 20.72 -18.53
C SER B 80 9.95 21.37 -17.17
N THR B 81 8.66 21.64 -16.94
CA THR B 81 8.17 22.44 -15.80
C THR B 81 7.00 21.78 -15.09
N TYR B 82 6.77 22.20 -13.85
CA TYR B 82 5.68 21.65 -13.08
C TYR B 82 4.46 22.56 -13.15
N GLN B 83 3.32 21.92 -13.06
CA GLN B 83 2.03 22.58 -13.07
C GLN B 83 1.99 23.53 -11.87
N ARG B 84 1.31 24.68 -12.00
CA ARG B 84 1.30 25.77 -11.00
C ARG B 84 -0.10 26.26 -10.74
N LEU B 85 -0.24 27.18 -9.79
CA LEU B 85 -1.56 27.65 -9.38
C LEU B 85 -2.50 28.13 -10.51
N TYR B 86 -1.96 28.91 -11.45
CA TYR B 86 -2.73 29.50 -12.54
C TYR B 86 -2.82 28.61 -13.77
N SER B 87 -2.20 27.44 -13.72
CA SER B 87 -2.23 26.52 -14.83
C SER B 87 -3.64 26.00 -15.02
N GLU B 88 -3.96 25.76 -16.28
CA GLU B 88 -5.29 25.34 -16.70
C GLU B 88 -5.76 24.00 -16.05
N SER B 89 -4.84 23.07 -15.80
CA SER B 89 -5.24 21.82 -15.14
C SER B 89 -5.60 22.06 -13.65
N ILE B 90 -4.83 22.88 -12.97
CA ILE B 90 -5.11 23.20 -11.56
C ILE B 90 -6.47 23.95 -11.44
N LEU B 91 -6.66 24.99 -12.27
CA LEU B 91 -7.94 25.75 -12.30
C LEU B 91 -9.07 24.83 -12.67
N THR B 92 -8.88 23.96 -13.63
CA THR B 92 -9.91 22.93 -13.91
C THR B 92 -10.19 22.05 -12.67
N THR B 93 -9.14 21.59 -12.02
CA THR B 93 -9.37 20.72 -10.87
C THR B 93 -10.10 21.45 -9.79
N MET B 94 -9.74 22.72 -9.60
CA MET B 94 -10.39 23.57 -8.60
C MET B 94 -11.87 23.67 -8.82
N VAL B 95 -12.28 23.82 -10.06
CA VAL B 95 -13.70 24.07 -10.35
C VAL B 95 -14.49 22.76 -10.28
N GLN B 96 -13.90 21.64 -10.67
CA GLN B 96 -14.59 20.34 -10.57
C GLN B 96 -14.85 20.00 -9.09
N VAL B 97 -13.84 20.22 -8.26
CA VAL B 97 -14.02 20.10 -6.82
C VAL B 97 -15.04 21.11 -6.20
N ALA B 98 -15.03 22.37 -6.63
CA ALA B 98 -16.05 23.34 -6.21
C ALA B 98 -17.42 22.79 -6.52
N GLY B 99 -17.53 22.21 -7.72
CA GLY B 99 -18.73 21.54 -8.18
C GLY B 99 -19.15 20.35 -7.33
N LYS B 100 -18.18 19.59 -6.83
CA LYS B 100 -18.55 18.50 -5.97
C LYS B 100 -19.02 19.01 -4.61
N VAL B 101 -18.41 20.10 -4.14
CA VAL B 101 -18.86 20.70 -2.90
C VAL B 101 -20.28 21.20 -3.09
N GLN B 102 -20.58 21.73 -4.28
CA GLN B 102 -21.93 22.26 -4.55
C GLN B 102 -22.99 21.17 -4.46
N GLU B 103 -22.71 19.97 -4.96
CA GLU B 103 -23.69 18.91 -4.85
C GLU B 103 -24.06 18.69 -3.39
N VAL B 104 -23.06 18.73 -2.51
CA VAL B 104 -23.28 18.52 -1.09
C VAL B 104 -23.99 19.70 -0.45
N LEU B 105 -23.58 20.93 -0.81
CA LEU B 105 -24.34 22.12 -0.38
C LEU B 105 -25.83 22.03 -0.74
N LYS B 106 -26.17 21.40 -1.87
CA LYS B 106 -27.56 21.27 -2.32
C LYS B 106 -28.38 20.19 -1.61
N GLU B 107 -27.74 19.23 -0.94
CA GLU B 107 -28.47 18.20 -0.19
C GLU B 107 -27.75 17.88 1.08
N PRO B 108 -27.88 18.77 2.08
CA PRO B 108 -27.16 18.67 3.35
C PRO B 108 -27.62 17.59 4.34
N ASP B 109 -28.64 16.80 4.00
CA ASP B 109 -29.02 15.67 4.83
C ASP B 109 -27.90 14.62 4.77
N GLY B 110 -27.15 14.52 5.86
CA GLY B 110 -26.05 13.56 5.92
C GLY B 110 -24.84 13.95 5.08
N GLY B 111 -24.61 15.24 4.92
CA GLY B 111 -23.48 15.71 4.12
C GLY B 111 -22.46 16.26 5.07
N LEU B 112 -21.18 16.03 4.82
CA LEU B 112 -20.14 16.61 5.65
C LEU B 112 -19.01 17.07 4.75
N VAL B 113 -18.34 18.15 5.11
CA VAL B 113 -17.13 18.48 4.39
C VAL B 113 -16.02 18.54 5.39
N VAL B 114 -15.04 17.64 5.24
CA VAL B 114 -13.94 17.54 6.19
C VAL B 114 -12.65 18.12 5.64
N LEU B 115 -11.96 18.91 6.45
CA LEU B 115 -10.68 19.47 6.11
C LEU B 115 -9.70 18.90 7.10
N SER B 116 -8.62 18.24 6.64
CA SER B 116 -7.75 17.49 7.55
C SER B 116 -6.25 17.65 7.35
N GLY B 117 -5.47 17.70 8.40
CA GLY B 117 -4.04 17.56 8.22
C GLY B 117 -3.31 17.61 9.51
N GLY B 118 -2.00 17.46 9.42
CA GLY B 118 -1.14 17.57 10.60
C GLY B 118 -0.51 18.95 10.70
N GLY B 119 -0.07 19.33 11.89
CA GLY B 119 0.65 20.60 12.07
C GLY B 119 -0.09 21.76 11.44
N THR B 120 0.63 22.57 10.70
CA THR B 120 0.05 23.78 10.17
C THR B 120 -1.03 23.44 9.19
N SER B 121 -0.92 22.29 8.52
CA SER B 121 -1.95 21.98 7.57
C SER B 121 -3.24 21.79 8.35
N GLY B 122 -3.11 21.29 9.59
CA GLY B 122 -4.25 21.10 10.46
C GLY B 122 -4.75 22.42 11.06
N ARG B 123 -3.85 23.29 11.43
CA ARG B 123 -4.21 24.60 11.87
C ARG B 123 -4.97 25.33 10.79
N MET B 124 -4.52 25.23 9.55
CA MET B 124 -5.16 25.95 8.44
C MET B 124 -6.53 25.39 8.22
N ALA B 125 -6.68 24.07 8.41
CA ALA B 125 -7.99 23.43 8.25
C ALA B 125 -8.99 23.91 9.29
N PHE B 126 -8.52 24.15 10.49
CA PHE B 126 -9.40 24.64 11.56
C PHE B 126 -9.98 26.04 11.21
N LEU B 127 -9.10 26.97 10.85
CA LEU B 127 -9.52 28.28 10.47
C LEU B 127 -10.60 28.27 9.40
N MET B 128 -10.35 27.52 8.34
CA MET B 128 -11.23 27.55 7.23
C MET B 128 -12.53 26.93 7.58
N SER B 129 -12.50 25.86 8.37
CA SER B 129 -13.75 25.24 8.76
C SER B 129 -14.67 26.25 9.55
N VAL B 130 -14.08 27.04 10.44
CA VAL B 130 -14.81 28.03 11.18
C VAL B 130 -15.37 29.10 10.23
N SER B 131 -14.53 29.63 9.35
CA SER B 131 -14.96 30.62 8.38
C SER B 131 -16.08 30.14 7.52
N PHE B 132 -16.01 28.96 6.96
CA PHE B 132 -17.13 28.54 6.10
C PHE B 132 -18.35 28.09 6.87
N ASN B 133 -18.16 27.60 8.11
CA ASN B 133 -19.33 27.37 8.95
C ASN B 133 -20.01 28.72 9.33
N GLN B 134 -19.25 29.79 9.59
CA GLN B 134 -19.80 31.14 9.80
C GLN B 134 -20.68 31.53 8.60
N LEU B 135 -20.13 31.41 7.41
CA LEU B 135 -20.86 31.67 6.18
C LEU B 135 -22.16 30.90 5.98
N MET B 136 -22.23 29.62 6.30
CA MET B 136 -23.51 28.93 6.16
C MET B 136 -24.52 29.35 7.25
N LYS B 137 -24.01 29.66 8.44
CA LYS B 137 -24.79 30.29 9.51
C LYS B 137 -25.43 31.60 9.03
N GLY B 138 -24.62 32.52 8.51
CA GLY B 138 -25.11 33.75 7.89
C GLY B 138 -26.11 33.58 6.76
N LEU B 139 -26.49 32.37 6.40
CA LEU B 139 -27.55 32.17 5.43
C LEU B 139 -28.63 31.25 6.00
N GLY B 140 -28.57 31.04 7.31
CA GLY B 140 -29.48 30.12 7.98
C GLY B 140 -29.49 28.75 7.36
N GLN B 141 -28.29 28.21 7.15
CA GLN B 141 -28.08 26.84 6.69
C GLN B 141 -27.29 26.10 7.77
N LYS B 142 -27.62 24.81 7.93
CA LYS B 142 -26.90 23.93 8.85
C LYS B 142 -25.42 23.89 8.41
N PRO B 143 -24.48 24.20 9.31
CA PRO B 143 -23.06 24.19 8.94
C PRO B 143 -22.59 22.76 8.55
N LEU B 144 -21.90 22.60 7.42
CA LEU B 144 -21.42 21.29 6.99
C LEU B 144 -19.93 21.00 7.18
N TYR B 145 -19.12 21.95 7.62
CA TYR B 145 -17.70 21.79 7.68
C TYR B 145 -17.29 21.30 9.03
N THR B 146 -16.15 20.60 9.05
CA THR B 146 -15.48 20.30 10.27
C THR B 146 -14.05 20.05 9.94
N TYR B 147 -13.23 19.93 10.97
CA TYR B 147 -11.80 19.86 10.75
C TYR B 147 -11.24 18.68 11.56
N LEU B 148 -10.08 18.18 11.16
CA LEU B 148 -9.35 17.10 11.86
C LEU B 148 -7.93 17.55 11.85
N ILE B 149 -7.28 17.45 12.99
CA ILE B 149 -5.86 17.70 13.06
C ILE B 149 -5.16 16.56 13.81
N ALA B 150 -4.00 16.15 13.34
CA ALA B 150 -3.26 15.07 13.98
C ALA B 150 -3.12 15.45 15.43
N GLY B 151 -3.67 14.59 16.27
CA GLY B 151 -3.51 14.66 17.71
C GLY B 151 -4.77 15.13 18.42
N GLY B 152 -5.85 15.34 17.66
CA GLY B 152 -7.07 15.96 18.18
C GLY B 152 -6.87 17.45 18.47
N ASP B 153 -7.90 18.06 19.05
CA ASP B 153 -8.11 19.51 18.99
C ASP B 153 -7.11 20.32 19.70
N ARG B 154 -6.59 19.79 20.80
CA ARG B 154 -5.52 20.51 21.51
C ARG B 154 -4.30 20.78 20.58
N SER B 155 -4.14 20.03 19.50
CA SER B 155 -3.05 20.29 18.55
C SER B 155 -3.12 21.66 17.85
N VAL B 156 -4.34 22.20 17.74
CA VAL B 156 -4.55 23.43 17.01
C VAL B 156 -3.66 24.56 17.49
N VAL B 157 -3.41 24.64 18.80
CA VAL B 157 -2.58 25.70 19.35
C VAL B 157 -1.40 25.15 20.14
N ALA B 158 -0.96 23.93 19.83
CA ALA B 158 0.20 23.31 20.48
C ALA B 158 1.23 22.82 19.47
N SER B 159 2.48 22.69 19.92
CA SER B 159 3.51 22.02 19.13
C SER B 159 3.51 20.56 19.43
N ARG B 160 2.99 19.76 18.49
CA ARG B 160 2.85 18.30 18.66
C ARG B 160 3.18 17.56 17.35
N GLU B 161 4.45 17.69 16.95
CA GLU B 161 4.89 17.25 15.62
C GLU B 161 4.87 15.71 15.49
N GLY B 162 4.84 15.01 16.62
CA GLY B 162 4.89 13.53 16.62
C GLY B 162 3.58 12.86 16.29
N THR B 163 2.47 13.60 16.24
CA THR B 163 1.13 12.96 16.06
C THR B 163 0.72 12.62 14.64
N GLU B 164 1.52 13.05 13.68
CA GLU B 164 1.16 12.97 12.26
C GLU B 164 1.53 11.63 11.57
N ASP B 165 2.21 10.78 12.35
CA ASP B 165 2.97 9.66 11.87
C ASP B 165 2.17 8.36 11.82
N SER B 166 0.89 8.38 12.19
CA SER B 166 0.08 7.16 12.24
C SER B 166 -1.11 7.28 11.31
N ALA B 167 -1.18 6.35 10.36
CA ALA B 167 -2.29 6.30 9.42
C ALA B 167 -3.56 5.90 10.09
N LEU B 168 -3.48 5.01 11.07
CA LEU B 168 -4.71 4.54 11.73
C LEU B 168 -5.36 5.59 12.61
N HIS B 169 -4.55 6.38 13.27
CA HIS B 169 -5.06 7.51 14.00
C HIS B 169 -5.86 8.43 13.03
N GLY B 170 -5.26 8.73 11.87
CA GLY B 170 -5.96 9.48 10.84
C GLY B 170 -7.33 8.87 10.54
N ILE B 171 -7.32 7.57 10.36
CA ILE B 171 -8.54 6.90 9.99
C ILE B 171 -9.54 6.92 11.10
N GLU B 172 -9.09 6.77 12.33
CA GLU B 172 -10.01 6.72 13.46
C GLU B 172 -10.74 8.06 13.59
N GLU B 173 -9.97 9.16 13.60
CA GLU B 173 -10.58 10.48 13.69
C GLU B 173 -11.64 10.73 12.63
N LEU B 174 -11.42 10.20 11.44
CA LEU B 174 -12.30 10.45 10.32
C LEU B 174 -13.57 9.65 10.53
N LYS B 175 -13.44 8.41 10.99
CA LYS B 175 -14.66 7.59 11.21
C LYS B 175 -15.54 8.14 12.32
N LYS B 176 -14.93 8.74 13.33
CA LYS B 176 -15.71 9.37 14.39
C LYS B 176 -16.57 10.46 13.78
N VAL B 177 -15.94 11.34 13.05
CA VAL B 177 -16.63 12.47 12.45
C VAL B 177 -17.62 12.04 11.33
N ALA B 178 -17.34 10.98 10.61
CA ALA B 178 -18.21 10.61 9.47
C ALA B 178 -19.29 9.55 9.72
N ALA B 179 -19.40 9.07 10.96
CA ALA B 179 -20.28 7.94 11.28
C ALA B 179 -21.72 8.28 10.89
N GLY B 180 -22.33 7.39 10.11
CA GLY B 180 -23.71 7.55 9.66
C GLY B 180 -24.05 8.76 8.80
N LYS B 181 -23.09 9.27 8.02
CA LYS B 181 -23.38 10.30 7.00
C LYS B 181 -23.47 9.61 5.67
N LYS B 182 -24.19 10.20 4.72
CA LYS B 182 -24.30 9.61 3.40
C LYS B 182 -23.25 10.12 2.44
N ARG B 183 -22.88 11.41 2.53
CA ARG B 183 -21.90 12.05 1.62
C ARG B 183 -20.87 12.90 2.37
N VAL B 184 -19.61 12.50 2.33
CA VAL B 184 -18.52 13.20 3.02
C VAL B 184 -17.44 13.53 2.00
N ILE B 185 -17.13 14.80 1.85
CA ILE B 185 -15.97 15.19 1.09
C ILE B 185 -14.83 15.39 2.08
N VAL B 186 -13.69 14.75 1.79
CA VAL B 186 -12.56 14.72 2.69
C VAL B 186 -11.38 15.41 2.01
N ILE B 187 -11.09 16.61 2.49
CA ILE B 187 -10.03 17.38 1.94
C ILE B 187 -8.79 17.12 2.75
N GLY B 188 -7.90 16.30 2.20
CA GLY B 188 -6.77 15.85 2.98
C GLY B 188 -5.59 16.69 2.61
N ILE B 189 -5.06 17.42 3.58
CA ILE B 189 -4.07 18.47 3.29
C ILE B 189 -2.70 18.08 3.84
N SER B 190 -1.73 17.84 2.96
CA SER B 190 -0.38 17.62 3.36
C SER B 190 0.47 18.23 2.30
N VAL B 191 1.09 19.34 2.67
CA VAL B 191 1.91 20.12 1.81
C VAL B 191 2.94 19.27 1.12
N GLY B 192 3.59 18.40 1.86
CA GLY B 192 4.62 17.56 1.26
C GLY B 192 4.14 16.33 0.47
N LEU B 193 2.83 16.11 0.39
CA LEU B 193 2.25 14.80 0.10
C LEU B 193 3.01 13.75 1.00
N SER B 194 2.91 13.97 2.30
CA SER B 194 3.81 13.41 3.26
C SER B 194 3.16 12.71 4.48
N ALA B 195 2.07 13.26 5.01
CA ALA B 195 1.60 12.83 6.34
C ALA B 195 0.92 11.45 6.34
N PRO B 196 1.46 10.50 7.11
CA PRO B 196 0.75 9.29 7.40
C PRO B 196 -0.72 9.48 7.81
N PHE B 197 -0.95 10.44 8.74
CA PHE B 197 -2.30 10.87 9.12
C PHE B 197 -3.23 11.04 7.94
N VAL B 198 -2.75 11.68 6.88
CA VAL B 198 -3.64 11.93 5.71
C VAL B 198 -3.69 10.76 4.76
N ALA B 199 -2.55 10.11 4.57
CA ALA B 199 -2.43 9.02 3.62
C ALA B 199 -3.46 7.98 4.02
N GLY B 200 -3.49 7.71 5.30
CA GLY B 200 -4.53 6.80 5.78
C GLY B 200 -5.95 7.20 5.43
N GLN B 201 -6.28 8.49 5.57
CA GLN B 201 -7.66 8.91 5.39
C GLN B 201 -8.01 8.81 3.93
N MET B 202 -7.02 9.11 3.08
CA MET B 202 -7.29 9.18 1.65
C MET B 202 -7.52 7.79 1.17
N ASP B 203 -6.74 6.84 1.69
CA ASP B 203 -6.86 5.44 1.24
C ASP B 203 -8.21 4.86 1.63
N CYS B 204 -8.58 5.11 2.88
CA CYS B 204 -9.87 4.64 3.37
C CYS B 204 -11.05 5.13 2.52
N CYS B 205 -11.02 6.41 2.17
CA CYS B 205 -12.06 7.01 1.31
C CYS B 205 -12.16 6.29 0.01
N MET B 206 -11.03 5.99 -0.62
CA MET B 206 -11.07 5.26 -1.91
C MET B 206 -11.67 3.87 -1.76
N ASN B 207 -11.63 3.27 -0.57
CA ASN B 207 -12.26 1.99 -0.41
C ASN B 207 -13.80 2.11 -0.28
N ASN B 208 -14.34 3.32 -0.12
CA ASN B 208 -15.79 3.48 0.05
C ASN B 208 -16.32 4.82 -0.55
N THR B 209 -16.42 4.83 -1.88
CA THR B 209 -16.69 6.00 -2.67
C THR B 209 -18.17 6.27 -2.87
N ALA B 210 -19.04 5.38 -2.37
CA ALA B 210 -20.46 5.71 -2.27
C ALA B 210 -20.59 6.89 -1.31
N VAL B 211 -19.89 6.81 -0.20
CA VAL B 211 -19.95 7.82 0.83
C VAL B 211 -18.87 8.89 0.64
N PHE B 212 -17.65 8.47 0.33
CA PHE B 212 -16.50 9.36 0.42
C PHE B 212 -16.00 9.87 -0.92
N LEU B 213 -15.75 11.17 -0.97
CA LEU B 213 -14.96 11.77 -2.06
C LEU B 213 -13.67 12.40 -1.50
N PRO B 214 -12.56 11.75 -1.76
CA PRO B 214 -11.32 12.28 -1.25
C PRO B 214 -10.66 13.31 -2.17
N VAL B 215 -10.22 14.43 -1.59
CA VAL B 215 -9.53 15.50 -2.28
C VAL B 215 -8.19 15.78 -1.60
N LEU B 216 -7.11 15.45 -2.29
CA LEU B 216 -5.78 15.60 -1.72
C LEU B 216 -5.17 16.92 -2.10
N VAL B 217 -4.59 17.62 -1.14
CA VAL B 217 -3.99 18.93 -1.43
C VAL B 217 -2.61 19.02 -0.88
N GLY B 218 -1.69 19.40 -1.74
CA GLY B 218 -0.34 19.64 -1.31
C GLY B 218 0.33 20.29 -2.47
N PHE B 219 1.67 20.33 -2.44
CA PHE B 219 2.44 21.22 -3.29
C PHE B 219 3.65 20.56 -3.90
N ASN B 220 3.57 19.25 -4.09
CA ASN B 220 4.60 18.50 -4.84
C ASN B 220 3.85 17.76 -5.90
N PRO B 221 4.47 17.60 -7.07
CA PRO B 221 3.91 16.65 -8.02
C PRO B 221 3.91 15.22 -7.45
N VAL B 222 2.94 14.44 -7.92
CA VAL B 222 2.71 13.11 -7.41
C VAL B 222 3.95 12.22 -7.50
N SER B 223 4.79 12.43 -8.50
CA SER B 223 6.04 11.71 -8.70
C SER B 223 7.11 11.99 -7.62
N MET B 224 6.86 12.98 -6.79
CA MET B 224 7.72 13.35 -5.66
C MET B 224 7.02 13.15 -4.34
N ALA B 225 5.83 12.54 -4.34
CA ALA B 225 5.11 12.24 -3.09
C ALA B 225 5.89 11.22 -2.29
N ARG B 226 5.66 11.24 -1.00
CA ARG B 226 6.52 10.55 -0.09
C ARG B 226 6.29 9.10 -0.29
N ASN B 227 7.37 8.36 -0.21
CA ASN B 227 7.32 6.99 -0.66
C ASN B 227 7.99 6.00 0.30
N ASP B 228 8.30 6.42 1.54
CA ASP B 228 8.93 5.54 2.49
C ASP B 228 7.84 4.85 3.27
N PRO B 229 8.12 3.63 3.80
CA PRO B 229 7.04 2.86 4.37
C PRO B 229 6.49 3.59 5.58
N ILE B 230 5.19 3.48 5.79
CA ILE B 230 4.53 4.01 6.95
C ILE B 230 4.39 2.89 7.94
N GLU B 231 4.51 3.23 9.20
CA GLU B 231 4.74 2.24 10.20
C GLU B 231 3.48 1.37 10.41
N ASP B 232 2.29 1.95 10.37
CA ASP B 232 1.07 1.14 10.58
C ASP B 232 0.22 1.01 9.31
N TRP B 233 0.85 0.93 8.15
CA TRP B 233 0.06 0.99 6.92
C TRP B 233 0.95 0.46 5.80
N SER B 234 0.32 -0.20 4.83
CA SER B 234 1.04 -1.03 3.81
C SER B 234 1.34 -0.33 2.51
N SER B 235 0.51 0.63 2.14
CA SER B 235 0.78 1.44 0.97
C SER B 235 1.54 2.71 1.40
N THR B 236 1.97 3.49 0.43
CA THR B 236 2.98 4.52 0.63
C THR B 236 2.24 5.78 0.22
N PHE B 237 2.66 6.99 0.63
CA PHE B 237 1.87 8.21 0.21
C PHE B 237 1.78 8.32 -1.32
N ARG B 238 2.87 8.06 -2.01
CA ARG B 238 2.89 8.12 -3.47
C ARG B 238 1.88 7.20 -4.15
N GLN B 239 1.66 6.01 -3.59
CA GLN B 239 0.81 4.98 -4.24
C GLN B 239 -0.60 5.40 -4.04
N VAL B 240 -0.86 5.99 -2.87
CA VAL B 240 -2.20 6.53 -2.59
C VAL B 240 -2.49 7.70 -3.53
N ALA B 241 -1.56 8.63 -3.65
CA ALA B 241 -1.77 9.74 -4.60
C ALA B 241 -1.84 9.28 -6.09
N GLU B 242 -1.07 8.27 -6.50
CA GLU B 242 -1.16 7.76 -7.88
C GLU B 242 -2.55 7.17 -8.13
N ARG B 243 -3.05 6.43 -7.15
CA ARG B 243 -4.38 5.88 -7.31
C ARG B 243 -5.48 6.96 -7.33
N MET B 244 -5.38 7.99 -6.50
CA MET B 244 -6.39 9.08 -6.52
C MET B 244 -6.35 9.79 -7.87
N GLN B 245 -5.15 9.99 -8.39
CA GLN B 245 -5.00 10.57 -9.73
C GLN B 245 -5.68 9.79 -10.83
N LYS B 246 -5.57 8.47 -10.80
CA LYS B 246 -6.24 7.67 -11.82
C LYS B 246 -7.78 7.73 -11.64
N MET B 247 -8.26 7.79 -10.42
CA MET B 247 -9.68 7.95 -10.17
C MET B 247 -10.23 9.31 -10.55
N GLN B 248 -9.37 10.32 -10.57
CA GLN B 248 -9.80 11.63 -10.96
C GLN B 248 -10.49 11.64 -12.33
N GLU B 249 -10.00 10.80 -13.25
CA GLU B 249 -10.54 10.66 -14.59
C GLU B 249 -12.03 10.35 -14.58
N LYS B 250 -12.51 9.63 -13.58
CA LYS B 250 -13.97 9.38 -13.36
C LYS B 250 -14.55 10.31 -12.28
N GLN B 251 -13.79 11.36 -11.93
CA GLN B 251 -14.15 12.29 -10.84
C GLN B 251 -14.55 11.66 -9.49
N LYS B 252 -13.86 10.60 -9.13
CA LYS B 252 -14.09 9.95 -7.87
C LYS B 252 -13.05 10.32 -6.83
N ALA B 253 -12.01 11.04 -7.27
CA ALA B 253 -11.02 11.61 -6.38
C ALA B 253 -10.35 12.80 -7.08
N PHE B 254 -9.72 13.67 -6.31
CA PHE B 254 -8.96 14.77 -6.90
C PHE B 254 -7.64 14.95 -6.17
N VAL B 255 -6.61 15.27 -6.94
CA VAL B 255 -5.31 15.60 -6.43
C VAL B 255 -5.09 17.03 -6.87
N LEU B 256 -4.90 17.95 -5.92
CA LEU B 256 -4.79 19.35 -6.21
C LEU B 256 -3.42 19.81 -5.70
N ASN B 257 -2.46 19.81 -6.61
CA ASN B 257 -1.04 19.91 -6.26
C ASN B 257 -0.18 20.81 -7.15
N PRO B 258 -0.45 22.12 -7.14
CA PRO B 258 0.45 23.08 -7.80
C PRO B 258 1.82 23.17 -7.17
N ALA B 259 2.87 23.34 -7.97
CA ALA B 259 4.19 23.72 -7.45
C ALA B 259 4.17 25.21 -7.09
N ILE B 260 4.67 25.51 -5.90
CA ILE B 260 4.79 26.87 -5.42
C ILE B 260 6.22 27.28 -5.19
N GLY B 261 7.14 26.40 -5.57
CA GLY B 261 8.55 26.63 -5.36
C GLY B 261 8.88 26.37 -3.90
N PRO B 262 10.14 26.10 -3.62
CA PRO B 262 10.53 25.80 -2.27
C PRO B 262 10.37 26.89 -1.23
N GLU B 263 10.46 26.47 0.01
CA GLU B 263 10.34 27.37 1.15
C GLU B 263 11.63 28.16 1.31
N GLY B 264 11.49 29.39 1.81
CA GLY B 264 12.63 30.27 1.96
C GLY B 264 13.52 29.72 3.06
N LEU B 265 12.92 29.09 4.06
CA LEU B 265 13.64 28.24 5.03
C LEU B 265 13.23 26.79 4.70
N SER B 266 14.23 26.02 4.32
CA SER B 266 14.08 24.78 3.61
C SER B 266 13.21 23.88 4.43
N GLY B 267 12.14 23.40 3.83
CA GLY B 267 11.19 22.51 4.53
C GLY B 267 10.28 23.15 5.58
N SER B 268 10.34 24.47 5.76
CA SER B 268 9.42 25.11 6.68
C SER B 268 8.06 25.31 6.05
N SER B 269 7.32 24.22 5.90
CA SER B 269 6.05 24.23 5.16
C SER B 269 4.91 24.94 5.89
N ARG B 270 5.15 25.43 7.11
CA ARG B 270 4.23 26.37 7.79
C ARG B 270 4.05 27.68 6.97
N MET B 271 5.05 27.96 6.14
CA MET B 271 5.18 29.22 5.46
C MET B 271 4.39 29.23 4.18
N LYS B 272 5.01 29.12 3.01
CA LYS B 272 4.29 29.16 1.79
C LYS B 272 3.28 28.07 1.70
N GLY B 273 3.56 26.89 2.27
CA GLY B 273 2.63 25.78 2.07
C GLY B 273 1.33 26.02 2.80
N GLY B 274 1.48 26.61 3.96
CA GLY B 274 0.32 27.02 4.75
C GLY B 274 -0.45 28.20 4.15
N SER B 275 0.21 29.25 3.72
CA SER B 275 -0.49 30.32 2.93
C SER B 275 -1.18 29.81 1.68
N ALA B 276 -0.43 29.13 0.82
CA ALA B 276 -1.02 28.52 -0.38
C ALA B 276 -2.18 27.59 -0.11
N THR B 277 -2.15 26.87 1.04
CA THR B 277 -3.29 26.05 1.45
C THR B 277 -4.56 26.88 1.56
N LYS B 278 -4.44 27.99 2.27
CA LYS B 278 -5.52 28.93 2.49
C LYS B 278 -5.98 29.51 1.18
N ILE B 279 -5.03 30.06 0.44
CA ILE B 279 -5.32 30.67 -0.87
C ILE B 279 -6.11 29.71 -1.74
N LEU B 280 -5.66 28.48 -1.81
CA LEU B 280 -6.25 27.49 -2.72
C LEU B 280 -7.65 27.11 -2.30
N LEU B 281 -7.83 26.76 -1.04
CA LEU B 281 -9.12 26.21 -0.63
C LEU B 281 -10.15 27.31 -0.24
N GLU B 282 -9.71 28.46 0.29
CA GLU B 282 -10.63 29.61 0.52
C GLU B 282 -11.19 30.07 -0.82
N THR B 283 -10.32 30.24 -1.81
CA THR B 283 -10.76 30.53 -3.18
C THR B 283 -11.81 29.53 -3.61
N LEU B 284 -11.47 28.26 -3.48
CA LEU B 284 -12.27 27.20 -4.10
C LEU B 284 -13.63 27.06 -3.46
N LEU B 285 -13.66 27.15 -2.14
CA LEU B 285 -14.93 26.98 -1.43
C LEU B 285 -15.73 28.28 -1.44
N LEU B 286 -15.06 29.41 -1.45
CA LEU B 286 -15.76 30.65 -1.57
C LEU B 286 -16.49 30.71 -2.93
N ALA B 287 -15.82 30.31 -4.00
CA ALA B 287 -16.50 30.20 -5.27
C ALA B 287 -17.60 29.16 -5.27
N ALA B 288 -17.41 28.05 -4.57
CA ALA B 288 -18.47 27.03 -4.53
C ALA B 288 -19.75 27.64 -3.99
N HIS B 289 -19.64 28.38 -2.89
CA HIS B 289 -20.82 28.90 -2.20
C HIS B 289 -21.47 30.01 -3.05
N LYS B 290 -20.72 31.10 -3.28
CA LYS B 290 -21.10 32.17 -4.21
C LYS B 290 -21.77 31.74 -5.54
N THR B 291 -21.34 30.66 -6.16
CA THR B 291 -21.83 30.35 -7.51
C THR B 291 -22.74 29.14 -7.62
N VAL B 292 -23.42 28.73 -6.55
CA VAL B 292 -24.39 27.64 -6.68
C VAL B 292 -25.46 28.01 -7.71
N ASP B 293 -25.84 27.01 -8.50
CA ASP B 293 -26.90 27.15 -9.49
C ASP B 293 -26.65 28.25 -10.57
N GLN B 294 -25.39 28.57 -10.85
CA GLN B 294 -25.04 29.54 -11.89
C GLN B 294 -24.15 29.00 -13.00
N GLY B 295 -23.86 27.71 -13.00
CA GLY B 295 -23.13 27.12 -14.10
C GLY B 295 -21.63 27.26 -13.96
N ILE B 296 -20.92 26.42 -14.69
CA ILE B 296 -19.48 26.27 -14.51
C ILE B 296 -18.72 27.56 -14.86
N ALA B 297 -19.21 28.30 -15.86
CA ALA B 297 -18.53 29.49 -16.36
C ALA B 297 -18.42 30.50 -15.24
N ALA B 298 -19.56 30.77 -14.61
CA ALA B 298 -19.61 31.63 -13.43
C ALA B 298 -18.57 31.19 -12.37
N SER B 299 -18.49 29.89 -12.13
CA SER B 299 -17.56 29.31 -11.16
C SER B 299 -16.09 29.60 -11.50
N GLN B 300 -15.73 29.44 -12.77
CA GLN B 300 -14.35 29.69 -13.21
C GLN B 300 -13.98 31.16 -13.02
N ARG B 301 -14.92 32.04 -13.40
CA ARG B 301 -14.65 33.47 -13.39
C ARG B 301 -14.45 33.92 -11.95
N CYS B 302 -15.31 33.42 -11.06
CA CYS B 302 -15.19 33.72 -9.64
C CYS B 302 -13.89 33.16 -8.98
N LEU B 303 -13.47 31.93 -9.33
CA LEU B 303 -12.17 31.42 -8.84
C LEU B 303 -11.06 32.42 -9.18
N LEU B 304 -11.05 32.83 -10.43
CA LEU B 304 -9.98 33.66 -10.93
C LEU B 304 -10.04 35.05 -10.32
N GLU B 305 -11.25 35.56 -10.09
CA GLU B 305 -11.36 36.79 -9.29
C GLU B 305 -10.63 36.68 -7.97
N ILE B 306 -11.04 35.69 -7.18
CA ILE B 306 -10.52 35.53 -5.83
C ILE B 306 -9.02 35.29 -5.79
N LEU B 307 -8.48 34.47 -6.68
CA LEU B 307 -7.01 34.31 -6.70
C LEU B 307 -6.30 35.65 -6.90
N ARG B 308 -6.74 36.41 -7.92
CA ARG B 308 -6.09 37.69 -8.29
C ARG B 308 -6.16 38.63 -7.10
N THR B 309 -7.27 38.63 -6.36
CA THR B 309 -7.32 39.33 -5.07
C THR B 309 -6.23 38.88 -4.08
N PHE B 310 -6.15 37.56 -3.82
CA PHE B 310 -5.06 37.06 -2.93
C PHE B 310 -3.72 37.52 -3.49
N GLU B 311 -3.60 37.50 -4.80
CA GLU B 311 -2.31 37.95 -5.34
C GLU B 311 -2.10 39.46 -5.02
N ARG B 312 -3.16 40.26 -5.08
CA ARG B 312 -3.02 41.73 -4.76
C ARG B 312 -2.52 41.88 -3.33
N ALA B 313 -3.13 41.05 -2.46
CA ALA B 313 -2.84 41.03 -1.01
C ALA B 313 -1.39 40.76 -0.70
N HIS B 314 -0.76 39.96 -1.52
CA HIS B 314 0.72 39.92 -1.43
C HIS B 314 1.34 41.31 -1.66
N GLN B 315 1.12 41.97 -2.79
CA GLN B 315 1.84 43.29 -2.95
C GLN B 315 1.33 44.28 -1.93
N VAL B 316 0.06 44.22 -1.62
CA VAL B 316 -0.40 45.09 -0.56
C VAL B 316 0.43 44.90 0.70
N THR B 317 0.58 43.65 1.12
CA THR B 317 1.30 43.34 2.36
C THR B 317 2.76 43.73 2.28
N TYR B 318 3.44 43.35 1.21
CA TYR B 318 4.86 43.62 1.15
C TYR B 318 5.19 45.04 0.72
N SER B 319 4.19 45.88 0.47
CA SER B 319 4.52 47.28 0.19
C SER B 319 4.99 47.94 1.50
N GLN B 320 4.71 47.28 2.63
CA GLN B 320 5.16 47.69 3.94
C GLN B 320 6.45 47.04 4.35
N SER B 321 7.29 46.67 3.39
CA SER B 321 8.50 45.95 3.77
C SER B 321 9.40 46.72 4.76
N PRO B 322 9.58 48.04 4.57
CA PRO B 322 10.58 48.64 5.47
C PRO B 322 10.17 48.61 6.96
N LYS B 323 8.87 48.56 7.24
CA LYS B 323 8.42 48.61 8.62
C LYS B 323 8.31 47.20 9.24
N ILE B 324 8.04 46.23 8.35
CA ILE B 324 8.22 44.84 8.67
C ILE B 324 9.69 44.55 9.05
N ALA B 325 10.65 45.14 8.35
CA ALA B 325 12.04 44.91 8.71
C ALA B 325 12.40 45.51 10.09
N THR B 326 11.82 46.65 10.38
CA THR B 326 12.04 47.36 11.65
C THR B 326 11.50 46.52 12.81
N LEU B 327 10.34 45.91 12.60
CA LEU B 327 9.77 45.10 13.65
C LEU B 327 10.62 43.85 13.85
N MET B 328 11.12 43.32 12.75
CA MET B 328 11.91 42.11 12.78
C MET B 328 13.14 42.39 13.61
N LYS B 329 13.83 43.47 13.32
CA LYS B 329 14.92 43.95 14.22
C LYS B 329 14.51 44.08 15.68
N SER B 330 13.36 44.70 15.98
CA SER B 330 12.95 44.88 17.40
C SER B 330 12.73 43.51 18.04
N VAL B 331 11.92 42.69 17.38
CA VAL B 331 11.67 41.33 17.83
C VAL B 331 12.99 40.53 18.02
N SER B 332 13.89 40.62 17.05
CA SER B 332 15.19 39.92 17.17
C SER B 332 16.04 40.43 18.32
N THR B 333 16.13 41.74 18.48
CA THR B 333 16.90 42.34 19.60
C THR B 333 16.39 41.87 20.96
N SER B 334 15.07 41.85 21.11
CA SER B 334 14.45 41.40 22.34
C SER B 334 14.86 39.96 22.74
N LEU B 335 14.92 39.04 21.78
CA LEU B 335 15.33 37.63 22.04
C LEU B 335 16.83 37.49 22.20
N GLU B 336 17.55 38.36 21.51
CA GLU B 336 18.96 38.48 21.75
C GLU B 336 19.27 38.78 23.21
N LYS B 337 18.53 39.71 23.82
CA LYS B 337 18.79 40.14 25.22
C LYS B 337 18.09 39.20 26.21
N LYS B 338 17.70 38.04 25.75
CA LYS B 338 16.99 37.03 26.53
C LYS B 338 15.69 37.51 27.14
N GLY B 339 15.05 38.47 26.47
CA GLY B 339 13.68 38.83 26.76
C GLY B 339 12.68 38.10 25.89
N HIS B 340 11.49 38.70 25.77
CA HIS B 340 10.34 38.02 25.21
C HIS B 340 9.53 38.92 24.29
N VAL B 341 8.67 38.29 23.50
CA VAL B 341 7.88 38.94 22.47
C VAL B 341 6.46 38.49 22.64
N TYR B 342 5.54 39.44 22.51
CA TYR B 342 4.14 39.21 22.80
C TYR B 342 3.35 39.64 21.55
N LEU B 343 2.61 38.72 20.98
CA LEU B 343 1.79 39.05 19.84
C LEU B 343 0.40 39.07 20.37
N VAL B 344 -0.10 40.28 20.62
CA VAL B 344 -1.41 40.41 21.22
C VAL B 344 -2.36 40.79 20.12
N GLY B 345 -3.46 40.06 19.99
CA GLY B 345 -4.33 40.28 18.89
C GLY B 345 -5.75 39.92 19.10
N TRP B 346 -6.58 40.41 18.20
CA TRP B 346 -8.02 40.33 18.40
C TRP B 346 -8.60 39.39 17.40
N GLN B 347 -9.68 38.73 17.81
CA GLN B 347 -10.40 37.92 16.89
C GLN B 347 -9.42 36.86 16.35
N THR B 348 -9.54 36.60 15.08
CA THR B 348 -9.00 35.46 14.44
C THR B 348 -7.54 35.72 14.15
N LEU B 349 -7.17 37.00 14.18
CA LEU B 349 -5.79 37.40 14.00
C LEU B 349 -5.00 37.15 15.28
N GLY B 350 -5.69 37.17 16.41
CA GLY B 350 -5.08 36.70 17.66
C GLY B 350 -4.75 35.20 17.56
N ILE B 351 -5.67 34.42 17.03
CA ILE B 351 -5.43 33.02 16.79
C ILE B 351 -4.19 32.77 15.92
N ILE B 352 -4.02 33.58 14.88
CA ILE B 352 -2.89 33.44 13.96
C ILE B 352 -1.60 33.76 14.66
N ALA B 353 -1.66 34.75 15.54
CA ALA B 353 -0.53 35.12 16.40
C ALA B 353 -0.14 33.96 17.31
N ILE B 354 -1.15 33.34 17.89
CA ILE B 354 -0.92 32.17 18.74
C ILE B 354 -0.23 31.04 17.93
N MET B 355 -0.76 30.74 16.75
CA MET B 355 -0.11 29.84 15.82
C MET B 355 1.31 30.25 15.49
N ASP B 356 1.57 31.49 15.13
CA ASP B 356 2.95 31.75 14.72
C ASP B 356 3.93 31.37 15.84
N GLY B 357 3.64 31.85 17.05
CA GLY B 357 4.53 31.71 18.19
C GLY B 357 4.78 30.27 18.64
N VAL B 358 3.72 29.48 18.65
CA VAL B 358 3.77 28.09 18.95
C VAL B 358 4.71 27.37 17.94
N GLU B 359 4.63 27.76 16.66
CA GLU B 359 5.38 27.09 15.63
C GLU B 359 6.86 27.39 15.78
N CYS B 360 7.18 28.49 16.43
CA CYS B 360 8.58 28.82 16.67
C CYS B 360 9.24 27.75 17.57
N ILE B 361 8.43 27.12 18.40
CA ILE B 361 8.89 26.18 19.40
C ILE B 361 9.64 25.10 18.66
N HIS B 362 8.97 24.48 17.72
CA HIS B 362 9.58 23.37 17.03
C HIS B 362 10.44 23.80 15.89
N THR B 363 10.05 24.86 15.21
CA THR B 363 10.83 25.35 14.09
C THR B 363 12.20 25.89 14.51
N PHE B 364 12.31 26.55 15.66
CA PHE B 364 13.58 27.18 15.98
C PHE B 364 14.16 26.78 17.29
N GLY B 365 13.49 25.84 17.94
CA GLY B 365 13.97 25.35 19.22
C GLY B 365 13.61 26.32 20.35
N ALA B 366 12.61 27.17 20.14
CA ALA B 366 12.43 28.31 21.04
C ALA B 366 11.63 27.89 22.23
N ASP B 367 11.94 28.45 23.40
CA ASP B 367 10.98 28.39 24.53
C ASP B 367 9.62 28.98 24.12
N PHE B 368 8.58 28.48 24.73
CA PHE B 368 7.23 28.92 24.47
C PHE B 368 6.97 30.42 24.64
N ARG B 369 7.71 31.04 25.56
CA ARG B 369 7.51 32.44 25.92
C ARG B 369 8.32 33.36 25.00
N ASP B 370 9.19 32.77 24.20
CA ASP B 370 10.05 33.54 23.30
C ASP B 370 9.21 34.41 22.32
N VAL B 371 8.25 33.78 21.66
CA VAL B 371 7.37 34.47 20.77
C VAL B 371 6.03 33.86 21.04
N ARG B 372 5.21 34.65 21.70
CA ARG B 372 4.03 34.10 22.27
C ARG B 372 2.82 34.98 21.94
N GLY B 373 1.76 34.35 21.44
CA GLY B 373 0.56 35.03 21.06
C GLY B 373 -0.50 35.00 22.15
N PHE B 374 -1.32 36.05 22.16
CA PHE B 374 -2.55 36.11 22.98
C PHE B 374 -3.73 36.55 22.14
N LEU B 375 -4.84 35.87 22.36
CA LEU B 375 -6.14 36.30 21.88
C LEU B 375 -6.84 37.12 22.98
N ILE B 376 -6.96 38.44 22.80
CA ILE B 376 -7.78 39.29 23.68
C ILE B 376 -9.21 39.26 23.23
N GLY B 377 -10.08 38.48 23.85
CA GLY B 377 -11.45 38.34 23.37
C GLY B 377 -12.12 37.03 23.71
N GLN B 392 -6.14 25.09 27.58
CA GLN B 392 -5.22 24.03 28.00
C GLN B 392 -3.72 24.37 27.77
N GLY B 393 -2.87 23.86 28.67
CA GLY B 393 -1.43 24.14 28.64
C GLY B 393 -1.24 25.57 29.12
N PRO B 394 -0.28 26.30 28.53
CA PRO B 394 -0.28 27.71 28.84
C PRO B 394 -1.59 28.34 28.39
N GLN B 395 -2.04 29.37 29.09
CA GLN B 395 -3.25 30.10 28.70
C GLN B 395 -3.02 30.92 27.41
N PHE B 396 -4.05 30.98 26.55
CA PHE B 396 -3.98 31.77 25.31
C PHE B 396 -5.10 32.80 25.06
N THR B 397 -6.33 32.52 25.51
CA THR B 397 -7.45 33.50 25.52
C THR B 397 -7.57 34.27 26.84
N PHE B 398 -7.33 35.57 26.79
CA PHE B 398 -7.48 36.48 27.96
C PHE B 398 -8.51 37.59 27.73
N SER B 399 -9.36 37.84 28.73
CA SER B 399 -10.06 39.12 28.86
C SER B 399 -9.03 40.23 29.04
N GLN B 400 -9.50 41.47 28.89
CA GLN B 400 -8.67 42.65 29.14
C GLN B 400 -8.04 42.67 30.55
N GLU B 401 -8.86 42.51 31.59
CA GLU B 401 -8.41 42.64 32.98
C GLU B 401 -7.55 41.42 33.29
N ASP B 402 -7.95 40.25 32.78
CA ASP B 402 -7.12 39.05 32.94
C ASP B 402 -5.75 39.24 32.31
N PHE B 403 -5.69 39.84 31.14
CA PHE B 403 -4.40 40.13 30.54
C PHE B 403 -3.61 41.14 31.36
N LEU B 404 -4.24 42.23 31.77
CA LEU B 404 -3.51 43.26 32.61
C LEU B 404 -3.10 42.77 34.00
N THR B 405 -3.96 41.96 34.61
CA THR B 405 -3.71 41.37 35.91
C THR B 405 -2.56 40.35 35.78
N SER B 406 -2.73 39.38 34.89
CA SER B 406 -1.86 38.22 34.87
C SER B 406 -0.56 38.45 34.11
N ILE B 407 -0.58 39.18 33.00
CA ILE B 407 0.55 39.18 32.09
C ILE B 407 1.35 40.45 32.14
N LEU B 408 0.66 41.57 32.22
CA LEU B 408 1.35 42.87 32.21
C LEU B 408 2.52 42.96 33.20
N PRO B 409 2.38 42.36 34.41
CA PRO B 409 3.49 42.46 35.38
C PRO B 409 4.83 41.81 34.94
N SER B 410 4.77 40.68 34.25
CA SER B 410 5.99 39.99 33.80
C SER B 410 6.83 40.81 32.82
N LEU B 411 6.24 41.84 32.20
CA LEU B 411 6.93 42.58 31.15
C LEU B 411 8.10 43.39 31.65
N THR B 412 8.98 43.71 30.73
CA THR B 412 10.25 44.29 31.01
C THR B 412 10.46 45.27 29.88
N GLU B 413 11.44 46.15 30.05
CA GLU B 413 11.71 47.20 29.09
C GLU B 413 12.45 46.73 27.84
N ILE B 414 13.06 45.54 27.89
CA ILE B 414 13.68 44.90 26.70
C ILE B 414 12.68 44.14 25.84
N ASP B 415 11.46 43.91 26.36
CA ASP B 415 10.46 43.11 25.69
C ASP B 415 9.89 43.82 24.50
N THR B 416 9.45 43.05 23.50
CA THR B 416 8.63 43.56 22.39
C THR B 416 7.16 43.09 22.42
N VAL B 417 6.22 44.03 22.29
CA VAL B 417 4.78 43.68 22.18
C VAL B 417 4.23 44.20 20.87
N VAL B 418 3.48 43.35 20.17
CA VAL B 418 2.94 43.68 18.89
C VAL B 418 1.47 43.50 19.04
N PHE B 419 0.75 44.54 18.59
CA PHE B 419 -0.70 44.56 18.66
C PHE B 419 -1.19 44.37 17.28
N ILE B 420 -2.14 43.45 17.15
CA ILE B 420 -2.61 43.06 15.85
C ILE B 420 -4.11 43.12 15.89
N PHE B 421 -4.71 43.84 14.95
CA PHE B 421 -6.14 44.20 15.05
C PHE B 421 -6.59 44.99 13.79
N THR B 422 -7.91 45.08 13.65
CA THR B 422 -8.52 45.82 12.56
C THR B 422 -9.29 47.00 13.15
N LEU B 423 -9.54 48.02 12.33
CA LEU B 423 -10.27 49.19 12.81
C LEU B 423 -11.73 48.85 13.13
N ASP B 424 -12.20 47.66 12.81
CA ASP B 424 -13.55 47.27 13.17
C ASP B 424 -13.62 46.51 14.54
N ASP B 425 -12.50 46.38 15.23
CA ASP B 425 -12.48 45.69 16.52
C ASP B 425 -12.86 46.68 17.63
N ASN B 426 -13.06 46.17 18.84
CA ASN B 426 -13.19 46.95 20.09
C ASN B 426 -11.95 47.84 20.34
N LEU B 427 -11.87 49.01 19.71
CA LEU B 427 -10.67 49.89 19.87
C LEU B 427 -10.56 50.62 21.22
N THR B 428 -11.60 50.54 22.05
CA THR B 428 -11.52 51.08 23.41
C THR B 428 -10.48 50.20 24.08
N GLU B 429 -10.84 48.90 24.13
CA GLU B 429 -10.04 47.77 24.66
C GLU B 429 -8.59 47.76 24.18
N VAL B 430 -8.40 48.05 22.90
CA VAL B 430 -7.06 48.13 22.35
C VAL B 430 -6.29 49.19 23.07
N GLN B 431 -6.77 50.42 23.05
CA GLN B 431 -5.99 51.50 23.66
C GLN B 431 -5.81 51.32 25.16
N THR B 432 -6.83 50.87 25.88
CA THR B 432 -6.62 50.53 27.31
C THR B 432 -5.29 49.77 27.44
N ILE B 433 -5.26 48.58 26.81
CA ILE B 433 -4.19 47.58 27.00
C ILE B 433 -2.87 48.13 26.53
N VAL B 434 -2.88 48.86 25.41
CA VAL B 434 -1.63 49.38 24.91
C VAL B 434 -1.16 50.51 25.77
N GLU B 435 -2.11 51.22 26.37
CA GLU B 435 -1.78 52.34 27.23
C GLU B 435 -0.93 51.80 28.36
N GLN B 436 -1.46 50.86 29.12
CA GLN B 436 -0.73 50.33 30.29
C GLN B 436 0.54 49.54 29.90
N VAL B 437 0.44 48.67 28.88
CA VAL B 437 1.62 47.95 28.35
C VAL B 437 2.73 48.94 28.09
N LYS B 438 2.37 50.03 27.45
CA LYS B 438 3.34 51.05 27.05
C LYS B 438 4.19 51.52 28.22
N GLU B 439 3.66 51.43 29.44
CA GLU B 439 4.39 51.87 30.64
C GLU B 439 5.59 51.00 31.04
N LYS B 440 5.56 49.73 30.65
CA LYS B 440 6.59 48.77 31.02
C LYS B 440 7.71 48.69 29.95
N THR B 441 7.38 48.99 28.69
CA THR B 441 8.38 48.95 27.61
C THR B 441 8.09 49.94 26.46
N ASN B 442 9.16 50.44 25.84
CA ASN B 442 9.00 51.29 24.64
C ASN B 442 8.84 50.51 23.34
N HIS B 443 9.26 49.23 23.32
CA HIS B 443 9.24 48.42 22.06
C HIS B 443 7.88 47.82 21.74
N ILE B 444 6.99 48.69 21.26
CA ILE B 444 5.65 48.32 20.85
C ILE B 444 5.55 48.75 19.40
N GLN B 445 4.75 48.05 18.63
CA GLN B 445 4.72 48.22 17.17
C GLN B 445 3.31 47.68 16.95
N ALA B 446 2.66 48.12 15.88
CA ALA B 446 1.28 47.73 15.66
C ALA B 446 1.02 47.27 14.26
N LEU B 447 -0.04 46.48 14.07
CA LEU B 447 -0.34 45.93 12.76
C LEU B 447 -1.81 46.01 12.60
N ALA B 448 -2.21 47.01 11.82
CA ALA B 448 -3.60 47.47 11.89
C ALA B 448 -4.23 47.45 10.51
N HIS B 449 -5.22 46.59 10.31
CA HIS B 449 -5.94 46.49 9.04
C HIS B 449 -7.18 47.41 8.97
N SER B 450 -7.38 48.07 7.84
CA SER B 450 -8.44 49.10 7.67
C SER B 450 -8.93 49.12 6.25
N THR B 451 -10.25 49.28 6.03
CA THR B 451 -10.76 49.58 4.67
C THR B 451 -10.44 51.07 4.40
N VAL B 452 -10.03 51.42 3.18
CA VAL B 452 -9.65 52.82 2.86
C VAL B 452 -10.84 53.74 3.16
N GLY B 453 -10.55 54.80 3.92
CA GLY B 453 -11.58 55.72 4.39
C GLY B 453 -11.94 55.52 5.84
N GLN B 454 -11.18 54.69 6.57
CA GLN B 454 -11.40 54.53 8.01
C GLN B 454 -10.28 55.31 8.69
N THR B 455 -10.45 55.71 9.95
CA THR B 455 -9.42 56.59 10.55
C THR B 455 -8.87 56.06 11.89
N LEU B 456 -7.58 56.32 12.12
CA LEU B 456 -6.95 55.83 13.34
C LEU B 456 -7.03 56.88 14.48
N PRO B 457 -7.89 56.67 15.51
CA PRO B 457 -8.00 57.56 16.69
C PRO B 457 -6.68 58.15 17.17
N ILE B 458 -6.64 59.47 17.39
CA ILE B 458 -5.51 60.13 18.09
C ILE B 458 -5.28 59.37 19.39
N PRO B 459 -4.00 59.14 19.75
CA PRO B 459 -3.57 57.96 20.53
C PRO B 459 -4.74 57.02 20.80
N LEU B 460 -4.81 55.86 20.13
CA LEU B 460 -3.73 55.12 19.41
C LEU B 460 -2.65 55.82 18.59
N LYS B 461 -3.05 56.71 17.69
CA LYS B 461 -2.12 57.23 16.70
C LYS B 461 -0.81 57.82 17.26
N LYS B 462 -0.85 58.57 18.37
CA LYS B 462 0.43 59.08 18.95
C LYS B 462 1.15 57.92 19.60
N LEU B 463 0.40 56.99 20.20
CA LEU B 463 1.00 55.74 20.76
C LEU B 463 1.87 54.91 19.77
N PHE B 464 1.40 54.76 18.52
CA PHE B 464 2.13 54.04 17.47
C PHE B 464 2.49 54.96 16.32
N PRO B 465 3.54 55.80 16.46
CA PRO B 465 3.80 56.74 15.35
C PRO B 465 3.90 56.04 13.96
N SER B 466 4.75 55.01 13.83
CA SER B 466 4.98 54.30 12.56
C SER B 466 4.33 52.92 12.58
N ILE B 467 3.09 52.91 13.07
CA ILE B 467 2.16 51.79 12.95
C ILE B 467 2.23 51.12 11.58
N ILE B 468 2.14 49.80 11.52
CA ILE B 468 2.14 49.14 10.22
C ILE B 468 0.72 49.07 9.79
N SER B 469 0.27 50.11 9.08
CA SER B 469 -1.13 50.16 8.73
C SER B 469 -1.24 49.52 7.38
N ILE B 470 -2.05 48.49 7.27
CA ILE B 470 -2.34 47.87 6.00
C ILE B 470 -3.70 48.41 5.64
N THR B 471 -3.73 49.31 4.68
CA THR B 471 -5.02 49.84 4.21
C THR B 471 -5.55 49.07 2.95
N TRP B 472 -6.74 48.53 3.05
CA TRP B 472 -7.35 47.73 1.98
C TRP B 472 -8.37 48.55 1.18
N PRO B 473 -8.24 48.54 -0.15
CA PRO B 473 -9.25 49.12 -1.01
C PRO B 473 -10.64 48.51 -0.74
N LEU B 474 -11.69 49.32 -0.95
CA LEU B 474 -13.07 48.83 -1.02
C LEU B 474 -13.19 47.78 -2.12
N LEU B 475 -14.20 46.91 -2.00
CA LEU B 475 -14.38 45.73 -2.85
C LEU B 475 -15.73 45.17 -2.53
N PHE B 476 -16.50 44.81 -3.56
CA PHE B 476 -17.83 44.23 -3.36
C PHE B 476 -17.65 42.97 -2.53
N PHE B 477 -18.61 42.69 -1.67
CA PHE B 477 -18.70 41.39 -1.02
C PHE B 477 -20.15 40.89 -0.99
N GLU B 478 -20.36 39.61 -1.29
CA GLU B 478 -21.70 39.07 -1.41
C GLU B 478 -22.36 38.74 -0.06
N TYR B 479 -21.58 38.39 0.97
CA TYR B 479 -22.15 37.98 2.26
C TYR B 479 -21.81 38.94 3.41
N GLU B 480 -22.69 38.98 4.41
CA GLU B 480 -22.56 39.93 5.55
C GLU B 480 -21.17 39.87 6.22
N GLY B 481 -20.74 38.69 6.62
CA GLY B 481 -19.45 38.55 7.32
C GLY B 481 -18.24 39.07 6.56
N ASN B 482 -18.40 39.35 5.25
CA ASN B 482 -17.32 39.90 4.41
C ASN B 482 -16.07 38.98 4.54
N PHE B 483 -16.31 37.74 4.13
CA PHE B 483 -15.37 36.63 4.25
C PHE B 483 -14.13 36.87 3.39
N ILE B 484 -14.34 37.48 2.23
CA ILE B 484 -13.23 37.84 1.39
C ILE B 484 -12.31 38.88 2.07
N GLN B 485 -12.81 39.69 2.98
CA GLN B 485 -11.91 40.64 3.70
C GLN B 485 -11.20 39.94 4.87
N LYS B 486 -11.94 39.03 5.48
CA LYS B 486 -11.38 38.18 6.53
C LYS B 486 -10.18 37.40 5.93
N PHE B 487 -10.39 36.77 4.78
CA PHE B 487 -9.29 35.96 4.19
C PHE B 487 -8.13 36.80 3.85
N GLN B 488 -8.36 37.93 3.18
CA GLN B 488 -7.26 38.89 2.94
C GLN B 488 -6.49 39.23 4.16
N ARG B 489 -7.20 39.55 5.24
CA ARG B 489 -6.51 39.99 6.51
C ARG B 489 -5.80 38.86 7.25
N GLU B 490 -6.40 37.65 7.21
CA GLU B 490 -5.76 36.44 7.80
C GLU B 490 -4.43 36.19 7.10
N LEU B 491 -4.49 36.05 5.77
CA LEU B 491 -3.26 35.85 4.97
C LEU B 491 -2.21 36.92 5.17
N SER B 492 -2.63 38.19 5.14
CA SER B 492 -1.70 39.30 5.32
C SER B 492 -0.98 39.27 6.68
N THR B 493 -1.75 38.96 7.73
CA THR B 493 -1.18 38.86 9.08
C THR B 493 -0.21 37.65 9.12
N LYS B 494 -0.66 36.52 8.60
CA LYS B 494 0.19 35.32 8.52
C LYS B 494 1.51 35.58 7.87
N TRP B 495 1.48 36.29 6.73
CA TRP B 495 2.71 36.61 6.00
C TRP B 495 3.62 37.47 6.84
N VAL B 496 3.04 38.42 7.56
CA VAL B 496 3.87 39.39 8.31
C VAL B 496 4.60 38.68 9.44
N LEU B 497 3.84 38.02 10.27
CA LEU B 497 4.32 37.24 11.40
C LEU B 497 5.27 36.07 11.05
N ASN B 498 4.93 35.27 10.04
CA ASN B 498 5.88 34.25 9.54
C ASN B 498 7.25 34.89 9.22
N THR B 499 7.22 35.99 8.45
CA THR B 499 8.45 36.67 8.03
C THR B 499 9.19 37.20 9.21
N VAL B 500 8.45 37.79 10.14
CA VAL B 500 9.07 38.41 11.34
C VAL B 500 9.65 37.38 12.30
N SER B 501 8.86 36.36 12.64
CA SER B 501 9.39 35.28 13.49
C SER B 501 10.59 34.63 12.83
N THR B 502 10.39 34.19 11.61
CA THR B 502 11.44 33.52 10.88
C THR B 502 12.68 34.38 10.77
N GLY B 503 12.56 35.62 10.26
CA GLY B 503 13.76 36.48 10.11
C GLY B 503 14.42 36.88 11.44
N ALA B 504 13.60 37.12 12.44
CA ALA B 504 14.15 37.50 13.74
C ALA B 504 15.10 36.37 14.20
N HIS B 505 14.72 35.10 13.97
CA HIS B 505 15.63 33.96 14.35
C HIS B 505 16.82 33.76 13.43
N VAL B 506 16.69 34.13 12.16
CA VAL B 506 17.81 34.09 11.25
C VAL B 506 18.87 35.10 11.65
N LEU B 507 18.41 36.27 12.11
CA LEU B 507 19.32 37.37 12.45
C LEU B 507 20.13 37.00 13.69
N LEU B 508 19.59 36.12 14.53
CA LEU B 508 20.37 35.56 15.65
C LEU B 508 21.41 34.49 15.28
N GLY B 509 21.57 34.16 14.01
CA GLY B 509 22.52 33.12 13.58
C GLY B 509 22.03 31.68 13.77
N LYS B 510 20.71 31.49 13.90
CA LYS B 510 20.16 30.14 14.14
C LYS B 510 20.08 29.22 12.91
N ILE B 511 20.22 29.77 11.73
CA ILE B 511 19.95 29.08 10.47
C ILE B 511 21.28 28.99 9.74
N LEU B 512 21.49 27.88 9.07
CA LEU B 512 22.75 27.57 8.43
C LEU B 512 22.50 27.61 6.93
N GLN B 513 22.96 28.69 6.28
CA GLN B 513 22.51 29.04 4.92
C GLN B 513 20.97 29.34 4.92
N ASN B 514 20.17 28.38 4.47
CA ASN B 514 18.71 28.38 4.60
C ASN B 514 18.22 27.06 5.13
N HIS B 515 19.01 26.45 6.00
CA HIS B 515 18.62 25.22 6.68
C HIS B 515 18.61 25.48 8.17
N MET B 516 17.57 25.00 8.84
CA MET B 516 17.62 24.78 10.28
C MET B 516 18.25 23.39 10.57
N LEU B 517 19.56 23.39 10.81
CA LEU B 517 20.27 22.16 11.08
C LEU B 517 19.85 21.52 12.40
N ASP B 518 19.76 22.36 13.41
CA ASP B 518 19.61 21.90 14.75
C ASP B 518 18.15 21.80 15.14
N LEU B 519 17.41 20.95 14.47
CA LEU B 519 16.02 20.69 14.84
C LEU B 519 15.87 19.52 15.80
N ARG B 520 14.69 19.47 16.40
CA ARG B 520 14.33 18.40 17.27
C ARG B 520 13.71 17.29 16.41
N ILE B 521 14.26 16.07 16.50
CA ILE B 521 13.68 14.97 15.70
C ILE B 521 12.47 14.41 16.41
N SER B 522 11.30 14.79 15.93
CA SER B 522 10.07 14.52 16.63
C SER B 522 9.07 13.77 15.76
N ASN B 523 9.43 13.52 14.51
CA ASN B 523 8.63 12.60 13.72
C ASN B 523 9.52 12.06 12.59
N SER B 524 8.98 11.21 11.75
CA SER B 524 9.80 10.51 10.79
C SER B 524 10.33 11.43 9.72
N LYS B 525 9.55 12.45 9.39
CA LYS B 525 9.95 13.33 8.32
C LYS B 525 11.11 14.13 8.79
N LEU B 526 11.11 14.52 10.07
CA LEU B 526 12.21 15.31 10.63
C LEU B 526 13.48 14.47 10.79
N PHE B 527 13.29 13.15 10.93
CA PHE B 527 14.40 12.18 10.96
C PHE B 527 15.06 12.12 9.57
N TRP B 528 14.27 11.93 8.54
CA TRP B 528 14.84 11.94 7.21
C TRP B 528 15.56 13.25 6.84
N ARG B 529 15.03 14.37 7.33
CA ARG B 529 15.54 15.68 6.98
C ARG B 529 16.82 15.83 7.76
N ALA B 530 16.85 15.35 9.00
CA ALA B 530 18.14 15.29 9.69
C ALA B 530 19.19 14.50 8.89
N LEU B 531 18.87 13.26 8.52
CA LEU B 531 19.80 12.48 7.70
C LEU B 531 20.22 13.20 6.41
N ALA B 532 19.26 13.75 5.68
CA ALA B 532 19.57 14.50 4.48
C ALA B 532 20.60 15.62 4.72
N MET B 533 20.47 16.29 5.87
CA MET B 533 21.35 17.41 6.16
C MET B 533 22.73 16.89 6.55
N LEU B 534 22.79 15.80 7.27
CA LEU B 534 24.10 15.22 7.55
C LEU B 534 24.83 14.91 6.25
N GLN B 535 24.15 14.26 5.32
CA GLN B 535 24.73 14.06 3.98
C GLN B 535 25.20 15.33 3.25
N ARG B 536 24.31 16.32 3.09
CA ARG B 536 24.64 17.51 2.34
C ARG B 536 25.84 18.21 2.96
N PHE B 537 25.82 18.39 4.27
CA PHE B 537 26.84 19.21 4.93
C PHE B 537 28.16 18.47 5.15
N SER B 538 28.11 17.13 5.31
CA SER B 538 29.33 16.35 5.53
C SER B 538 29.87 15.85 4.22
N GLY B 539 28.96 15.50 3.31
CA GLY B 539 29.31 14.99 1.99
C GLY B 539 29.71 13.52 2.03
N GLN B 540 29.58 12.93 3.22
CA GLN B 540 29.93 11.55 3.47
C GLN B 540 28.81 10.57 3.15
N SER B 541 29.14 9.28 3.10
CA SER B 541 28.21 8.27 2.61
C SER B 541 26.99 8.24 3.52
N LYS B 542 25.90 7.66 3.02
CA LYS B 542 24.71 7.53 3.84
C LYS B 542 24.87 6.54 4.96
N ALA B 543 25.74 5.56 4.78
CA ALA B 543 25.96 4.62 5.84
C ALA B 543 26.69 5.27 7.02
N ARG B 544 27.70 6.10 6.77
CA ARG B 544 28.37 6.82 7.88
C ARG B 544 27.45 7.90 8.49
N CYS B 545 26.61 8.52 7.65
CA CYS B 545 25.66 9.50 8.12
C CYS B 545 24.61 8.84 9.00
N ILE B 546 24.06 7.72 8.57
CA ILE B 546 23.09 7.01 9.37
C ILE B 546 23.70 6.59 10.69
N GLU B 547 24.92 6.06 10.67
CA GLU B 547 25.55 5.57 11.92
C GLU B 547 25.90 6.69 12.85
N SER B 548 26.37 7.80 12.30
CA SER B 548 26.56 8.95 13.18
C SER B 548 25.22 9.35 13.82
N LEU B 549 24.18 9.49 13.01
CA LEU B 549 22.90 9.94 13.54
C LEU B 549 22.40 9.02 14.62
N LEU B 550 22.39 7.72 14.32
CA LEU B 550 21.83 6.77 15.29
C LEU B 550 22.64 6.71 16.52
N ARG B 551 23.95 6.88 16.39
CA ARG B 551 24.85 6.84 17.56
C ARG B 551 24.58 8.06 18.43
N ALA B 552 24.49 9.25 17.82
CA ALA B 552 24.18 10.51 18.52
C ALA B 552 22.85 10.40 19.27
N ILE B 553 21.84 9.86 18.60
CA ILE B 553 20.54 9.68 19.21
C ILE B 553 20.58 8.78 20.43
N HIS B 554 21.11 7.59 20.28
CA HIS B 554 20.99 6.56 21.30
C HIS B 554 22.09 6.53 22.36
N PHE B 555 23.10 7.39 22.21
CA PHE B 555 24.19 7.48 23.17
C PHE B 555 23.58 7.63 24.54
N PRO B 556 24.16 7.01 25.57
CA PRO B 556 25.34 6.16 25.65
C PRO B 556 25.15 4.69 25.17
N GLN B 557 23.99 4.30 24.62
CA GLN B 557 23.87 2.99 24.05
C GLN B 557 24.69 2.83 22.79
N PRO B 558 25.44 1.70 22.66
CA PRO B 558 26.12 1.40 21.38
C PRO B 558 25.11 0.96 20.33
N LEU B 559 25.52 1.06 19.06
CA LEU B 559 24.69 0.59 17.97
C LEU B 559 24.57 -0.91 17.96
N SER B 560 23.44 -1.48 18.36
CA SER B 560 23.26 -2.91 18.25
C SER B 560 22.58 -3.27 16.93
N ASP B 561 22.36 -4.54 16.67
CA ASP B 561 21.62 -4.95 15.47
C ASP B 561 20.14 -4.52 15.62
N ASP B 562 19.60 -4.68 16.80
CA ASP B 562 18.23 -4.33 17.07
C ASP B 562 17.95 -2.86 16.78
N ILE B 563 18.87 -1.99 17.22
CA ILE B 563 18.75 -0.55 17.03
C ILE B 563 18.86 -0.24 15.53
N ARG B 564 19.86 -0.77 14.87
CA ARG B 564 19.97 -0.60 13.43
C ARG B 564 18.67 -0.93 12.70
N ALA B 565 17.99 -1.99 13.11
CA ALA B 565 16.86 -2.49 12.34
C ALA B 565 15.51 -2.02 12.89
N ALA B 566 15.55 -1.18 13.91
CA ALA B 566 14.34 -0.75 14.57
C ALA B 566 13.54 0.18 13.65
N PRO B 567 12.21 0.30 13.90
CA PRO B 567 11.44 1.24 13.09
C PRO B 567 11.83 2.68 13.42
N ILE B 568 11.67 3.60 12.47
CA ILE B 568 11.95 5.02 12.75
C ILE B 568 11.34 5.57 14.05
N SER B 569 10.12 5.19 14.41
CA SER B 569 9.52 5.75 15.66
C SER B 569 10.37 5.53 16.92
N CYS B 570 11.08 4.40 16.91
CA CYS B 570 12.02 4.08 17.99
C CYS B 570 13.10 5.19 18.08
N HIS B 571 13.64 5.60 16.94
CA HIS B 571 14.68 6.65 16.94
C HIS B 571 14.11 8.00 17.28
N VAL B 572 12.94 8.27 16.74
CA VAL B 572 12.23 9.51 17.02
C VAL B 572 11.91 9.66 18.51
N GLN B 573 11.40 8.60 19.12
CA GLN B 573 10.99 8.66 20.53
C GLN B 573 12.18 9.01 21.42
N VAL B 574 13.34 8.48 21.07
CA VAL B 574 14.51 8.76 21.86
C VAL B 574 15.07 10.12 21.48
N ALA B 575 15.21 10.43 20.19
CA ALA B 575 15.77 11.74 19.81
C ALA B 575 14.97 12.95 20.29
N HIS B 576 13.67 12.75 20.41
CA HIS B 576 12.78 13.81 20.78
C HIS B 576 13.12 14.39 22.14
N GLU B 577 13.75 13.60 23.01
CA GLU B 577 14.06 14.02 24.37
C GLU B 577 15.44 14.61 24.49
N LYS B 578 16.17 14.78 23.41
CA LYS B 578 17.56 15.18 23.55
C LYS B 578 17.81 16.51 22.89
N GLU B 579 18.97 17.07 23.24
CA GLU B 579 19.39 18.36 22.70
C GLU B 579 20.58 18.21 21.75
N GLN B 580 20.58 18.98 20.66
CA GLN B 580 21.71 19.09 19.79
C GLN B 580 22.11 17.78 19.09
N VAL B 581 21.16 16.87 18.90
CA VAL B 581 21.47 15.60 18.28
C VAL B 581 22.19 15.76 16.94
N ILE B 582 21.70 16.66 16.11
CA ILE B 582 22.20 16.70 14.76
C ILE B 582 23.55 17.36 14.71
N PRO B 583 23.71 18.47 15.44
CA PRO B 583 25.06 19.07 15.49
C PRO B 583 26.14 18.12 16.04
N ILE B 584 25.79 17.33 17.03
CA ILE B 584 26.74 16.32 17.53
C ILE B 584 27.03 15.24 16.50
N ALA B 585 25.97 14.72 15.90
CA ALA B 585 26.11 13.78 14.78
C ALA B 585 27.02 14.34 13.67
N LEU B 586 26.87 15.63 13.34
CA LEU B 586 27.69 16.24 12.28
C LEU B 586 29.14 16.47 12.71
N LEU B 587 29.37 16.87 13.95
CA LEU B 587 30.73 17.09 14.38
C LEU B 587 31.50 15.76 14.31
N SER B 588 30.85 14.71 14.74
CA SER B 588 31.42 13.38 14.75
C SER B 588 31.88 12.95 13.35
N LEU B 589 31.04 13.21 12.38
CA LEU B 589 31.33 12.91 11.01
C LEU B 589 32.47 13.74 10.54
N LEU B 590 32.40 15.06 10.78
CA LEU B 590 33.41 16.01 10.26
C LEU B 590 34.78 15.79 10.88
N PHE B 591 34.84 15.57 12.20
CA PHE B 591 36.12 15.29 12.86
C PHE B 591 36.54 13.83 12.80
N ARG B 592 35.70 12.96 12.21
CA ARG B 592 35.99 11.56 12.20
C ARG B 592 36.21 11.04 13.58
N CYS B 593 35.33 11.41 14.50
CA CYS B 593 35.54 11.17 15.94
C CYS B 593 34.36 10.47 16.54
N SER B 594 34.40 10.17 17.83
CA SER B 594 33.28 9.46 18.49
C SER B 594 32.27 10.44 19.07
N ILE B 595 31.10 9.93 19.40
CA ILE B 595 30.10 10.78 20.02
C ILE B 595 30.71 11.39 21.28
N THR B 596 31.41 10.57 22.07
CA THR B 596 32.07 11.05 23.29
C THR B 596 32.98 12.24 22.98
N GLU B 597 33.71 12.13 21.88
CA GLU B 597 34.62 13.20 21.53
C GLU B 597 33.88 14.47 20.98
N ALA B 598 32.78 14.24 20.28
CA ALA B 598 32.06 15.32 19.64
C ALA B 598 31.31 16.13 20.75
N GLN B 599 30.76 15.44 21.74
CA GLN B 599 30.06 16.04 22.88
C GLN B 599 30.96 16.98 23.65
N ALA B 600 32.16 16.50 23.95
CA ALA B 600 33.14 17.28 24.68
C ALA B 600 33.55 18.52 23.90
N HIS B 601 33.72 18.35 22.58
CA HIS B 601 34.12 19.41 21.71
C HIS B 601 33.01 20.46 21.71
N LEU B 602 31.78 20.01 21.47
CA LEU B 602 30.61 20.87 21.52
C LEU B 602 30.57 21.67 22.81
N ALA B 603 30.59 20.96 23.94
CA ALA B 603 30.46 21.61 25.24
C ALA B 603 31.63 22.52 25.59
N ALA B 604 32.72 22.46 24.85
CA ALA B 604 33.85 23.32 25.13
C ALA B 604 33.88 24.53 24.19
N ALA B 605 32.98 24.59 23.20
CA ALA B 605 33.01 25.70 22.25
C ALA B 605 32.07 26.84 22.72
N PRO B 606 32.25 28.05 22.18
CA PRO B 606 31.43 29.20 22.60
C PRO B 606 29.94 28.94 22.48
N SER B 607 29.50 28.43 21.33
CA SER B 607 28.07 28.15 21.10
C SER B 607 27.92 26.99 20.12
N VAL B 608 26.74 26.39 20.09
CA VAL B 608 26.49 25.40 19.10
C VAL B 608 26.81 25.88 17.70
N CYS B 609 26.34 27.07 17.34
CA CYS B 609 26.48 27.60 15.97
C CYS B 609 27.91 27.84 15.58
N GLU B 610 28.70 28.32 16.52
CA GLU B 610 30.07 28.60 16.21
C GLU B 610 30.87 27.30 16.06
N ALA B 611 30.57 26.31 16.91
CA ALA B 611 31.20 24.99 16.81
C ALA B 611 30.91 24.41 15.42
N VAL B 612 29.65 24.42 15.02
CA VAL B 612 29.25 23.86 13.71
C VAL B 612 29.89 24.61 12.56
N ARG B 613 29.92 25.93 12.65
CA ARG B 613 30.43 26.76 11.54
C ARG B 613 31.97 26.65 11.38
N SER B 614 32.72 26.66 12.49
CA SER B 614 34.18 26.41 12.46
C SER B 614 34.55 25.05 11.90
N ALA B 615 33.82 24.05 12.34
CA ALA B 615 34.05 22.69 11.87
C ALA B 615 33.73 22.56 10.37
N LEU B 616 32.75 23.29 9.87
CA LEU B 616 32.53 23.31 8.43
C LEU B 616 33.62 24.04 7.65
N ALA B 617 34.38 24.94 8.28
CA ALA B 617 35.33 25.84 7.55
C ALA B 617 36.77 25.31 7.51
#